data_4Y30
#
_entry.id   4Y30
#
_cell.length_a   99.672
_cell.length_b   99.672
_cell.length_c   89.252
_cell.angle_alpha   90.000
_cell.angle_beta   90.000
_cell.angle_gamma   90.000
#
_symmetry.space_group_name_H-M   'P 43'
#
loop_
_entity.id
_entity.type
_entity.pdbx_description
1 polymer 'Protein arginine N-methyltransferase 6'
2 non-polymer S-ADENOSYL-L-HOMOCYSTEINE
3 non-polymer "N,N'-dimethyl-N-({3-[4-({trans-3-[2-(tetrahydro-2H-pyran-4-yl)ethoxy]cyclobutyl}oxy)phenyl]-1H-pyrazol-4-yl}methyl)ethane-1,2-diamine"
4 non-polymer 'MAGNESIUM ION'
5 non-polymer GLYCEROL
6 water water
#
_entity_poly.entity_id   1
_entity_poly.type   'polypeptide(L)'
_entity_poly.pdbx_seq_one_letter_code
;DGAEREAALERPRRTKRERDQLYYECYSDVSVHEEMIADRVRTDAYRLGILRNWAALRGKTVLDVGAGTGILSIFCAQAG
ARRVYAVEASAIWQQAREVVRFNGLEDRVHVLPGPVETVELPEQVDAIVSEWMGYGLLHESMLSSVLHARTKWLKEGGLL
LPASAELFIAPISDQMLEWRLGFWSQVKQHYGVDMSCLEGFATRCLMGHSEIVVQGLSGEDVLARPQRFAQLELSRAGLE
QELQAGVGGRFRCSCYGSAPMHGFAIWFQVTFPGGESEKPLVLSTSPFHPATHWKQALLYLNEPVQVEQDTDVSGEITLL
PSRDNPRRLRVLLRYKVGDQEEKTKDFAMED
;
_entity_poly.pdbx_strand_id   A,B
#
loop_
_chem_comp.id
_chem_comp.type
_chem_comp.name
_chem_comp.formula
49L non-polymer N,N'-dimethyl-N-({3-[4-({trans-3-[2-(tetrahydro-2H-pyran-4-yl)ethoxy]cyclobutyl}oxy)phenyl]-1H-pyrazol-4-yl}methyl)ethane-1,2-diamine 'C25 H38 N4 O3'
GOL non-polymer GLYCEROL 'C3 H8 O3'
MG non-polymer 'MAGNESIUM ION' 'Mg 2'
#
# COMPACT_ATOMS: atom_id res chain seq x y z
N THR A 15 5.12 -26.94 6.28
CA THR A 15 4.77 -25.55 5.84
C THR A 15 3.78 -25.47 4.67
N LYS A 16 3.48 -26.57 4.00
CA LYS A 16 2.59 -26.53 2.83
C LYS A 16 1.12 -26.19 3.18
N ARG A 17 0.60 -26.83 4.24
CA ARG A 17 -0.72 -26.46 4.78
C ARG A 17 -0.82 -24.96 5.01
N GLU A 18 0.23 -24.40 5.61
CA GLU A 18 0.21 -23.02 6.05
C GLU A 18 0.28 -22.02 4.92
N ARG A 19 0.98 -22.33 3.83
CA ARG A 19 1.03 -21.37 2.71
C ARG A 19 -0.29 -21.28 1.96
N ASP A 20 -0.95 -22.42 1.76
CA ASP A 20 -2.29 -22.40 1.17
C ASP A 20 -3.27 -21.58 2.00
N GLN A 21 -3.17 -21.72 3.32
CA GLN A 21 -4.09 -21.07 4.21
C GLN A 21 -3.97 -19.55 4.12
N LEU A 22 -2.74 -19.06 4.01
CA LEU A 22 -2.53 -17.63 3.89
C LEU A 22 -3.03 -17.15 2.54
N TYR A 23 -2.90 -17.99 1.51
CA TYR A 23 -3.38 -17.63 0.16
C TYR A 23 -4.90 -17.49 0.16
N TYR A 24 -5.59 -18.50 0.68
CA TYR A 24 -7.04 -18.50 0.67
C TYR A 24 -7.62 -17.48 1.66
N GLU A 25 -6.87 -17.11 2.69
CA GLU A 25 -7.28 -16.01 3.57
C GLU A 25 -7.47 -14.73 2.81
N CYS A 26 -6.62 -14.48 1.81
CA CYS A 26 -6.73 -13.27 1.03
C CYS A 26 -8.10 -13.23 0.38
N TYR A 27 -8.47 -14.36 -0.21
CA TYR A 27 -9.72 -14.44 -0.92
C TYR A 27 -10.92 -14.65 0.03
N SER A 28 -10.65 -14.82 1.32
CA SER A 28 -11.72 -14.86 2.32
C SER A 28 -12.31 -13.47 2.59
N ASP A 29 -11.53 -12.43 2.32
CA ASP A 29 -11.90 -11.07 2.62
C ASP A 29 -12.55 -10.38 1.40
N VAL A 30 -13.35 -9.36 1.68
CA VAL A 30 -14.14 -8.71 0.66
C VAL A 30 -13.34 -7.92 -0.35
N SER A 31 -12.19 -7.34 0.05
CA SER A 31 -11.54 -6.32 -0.79
C SER A 31 -11.10 -6.84 -2.16
N VAL A 32 -10.53 -8.01 -2.19
CA VAL A 32 -10.08 -8.60 -3.44
C VAL A 32 -11.23 -8.82 -4.42
N HIS A 33 -12.37 -9.24 -3.91
CA HIS A 33 -13.54 -9.51 -4.74
C HIS A 33 -14.20 -8.23 -5.21
N GLU A 34 -14.21 -7.21 -4.34
CA GLU A 34 -14.67 -5.89 -4.73
C GLU A 34 -13.81 -5.38 -5.88
N GLU A 35 -12.49 -5.52 -5.73
CA GLU A 35 -11.57 -5.06 -6.74
C GLU A 35 -11.78 -5.81 -8.06
N MET A 36 -11.94 -7.12 -7.98
CA MET A 36 -12.17 -7.92 -9.18
C MET A 36 -13.48 -7.55 -9.89
N ILE A 37 -14.55 -7.40 -9.12
CA ILE A 37 -15.88 -7.12 -9.69
C ILE A 37 -16.00 -5.66 -10.11
N ALA A 38 -15.29 -4.75 -9.44
CA ALA A 38 -15.26 -3.33 -9.89
C ALA A 38 -14.46 -3.19 -11.18
N ASP A 39 -13.61 -4.19 -11.49
CA ASP A 39 -12.88 -4.21 -12.75
C ASP A 39 -13.84 -4.58 -13.87
N ARG A 40 -14.34 -3.54 -14.52
CA ARG A 40 -15.38 -3.69 -15.52
C ARG A 40 -14.87 -4.40 -16.77
N VAL A 41 -13.66 -4.09 -17.15
CA VAL A 41 -13.07 -4.72 -18.33
C VAL A 41 -13.00 -6.23 -18.09
N ARG A 42 -12.47 -6.63 -16.95
CA ARG A 42 -12.41 -8.04 -16.56
C ARG A 42 -13.81 -8.67 -16.55
N THR A 43 -14.70 -8.06 -15.80
CA THR A 43 -15.94 -8.71 -15.46
C THR A 43 -16.93 -8.73 -16.64
N ASP A 44 -16.94 -7.67 -17.42
CA ASP A 44 -17.75 -7.69 -18.63
C ASP A 44 -17.18 -8.55 -19.71
N ALA A 45 -15.86 -8.73 -19.73
CA ALA A 45 -15.27 -9.64 -20.72
C ALA A 45 -15.75 -11.05 -20.45
N TYR A 46 -15.73 -11.47 -19.18
CA TYR A 46 -16.28 -12.78 -18.80
C TYR A 46 -17.76 -12.87 -19.09
N ARG A 47 -18.51 -11.83 -18.73
CA ARG A 47 -19.94 -11.86 -18.93
C ARG A 47 -20.30 -12.04 -20.40
N LEU A 48 -19.71 -11.20 -21.24
CA LEU A 48 -19.93 -11.30 -22.66
C LEU A 48 -19.34 -12.55 -23.25
N GLY A 49 -18.17 -12.95 -22.77
CA GLY A 49 -17.53 -14.17 -23.31
C GLY A 49 -18.41 -15.39 -23.04
N ILE A 50 -18.97 -15.45 -21.84
CA ILE A 50 -19.88 -16.52 -21.48
C ILE A 50 -21.14 -16.43 -22.32
N LEU A 51 -21.79 -15.27 -22.31
CA LEU A 51 -23.03 -15.08 -23.08
C LEU A 51 -22.89 -15.48 -24.54
N ARG A 52 -21.76 -15.12 -25.13
CA ARG A 52 -21.45 -15.44 -26.50
C ARG A 52 -21.49 -16.92 -26.82
N ASN A 53 -21.24 -17.75 -25.81
CA ASN A 53 -21.18 -19.19 -25.99
C ASN A 53 -22.40 -19.89 -25.46
N TRP A 54 -23.52 -19.19 -25.46
CA TRP A 54 -24.79 -19.76 -25.04
C TRP A 54 -25.09 -21.08 -25.74
N ALA A 55 -24.75 -21.21 -27.02
CA ALA A 55 -25.09 -22.44 -27.76
C ALA A 55 -24.32 -23.64 -27.24
N ALA A 56 -23.07 -23.44 -26.85
CA ALA A 56 -22.30 -24.49 -26.20
C ALA A 56 -22.70 -24.71 -24.73
N LEU A 57 -23.39 -23.75 -24.13
CA LEU A 57 -23.73 -23.87 -22.72
C LEU A 57 -25.17 -24.22 -22.40
N ARG A 58 -26.09 -23.92 -23.30
CA ARG A 58 -27.51 -24.12 -23.04
C ARG A 58 -27.77 -25.59 -22.73
N GLY A 59 -28.33 -25.86 -21.54
CA GLY A 59 -28.67 -27.22 -21.15
C GLY A 59 -27.50 -28.09 -20.74
N LYS A 60 -26.32 -27.51 -20.65
CA LYS A 60 -25.09 -28.22 -20.37
C LYS A 60 -24.60 -27.99 -18.94
N THR A 61 -23.54 -28.69 -18.56
CA THR A 61 -22.97 -28.60 -17.22
C THR A 61 -21.66 -27.87 -17.26
N VAL A 62 -21.39 -27.07 -16.22
CA VAL A 62 -20.21 -26.21 -16.16
C VAL A 62 -19.52 -26.40 -14.81
N LEU A 63 -18.19 -26.39 -14.85
CA LEU A 63 -17.37 -26.22 -13.64
C LEU A 63 -16.72 -24.83 -13.64
N ASP A 64 -16.97 -24.08 -12.58
CA ASP A 64 -16.35 -22.79 -12.33
C ASP A 64 -15.20 -23.06 -11.34
N VAL A 65 -13.96 -22.98 -11.81
CA VAL A 65 -12.78 -23.23 -10.96
C VAL A 65 -12.35 -21.96 -10.23
N GLY A 66 -12.59 -21.92 -8.93
CA GLY A 66 -12.29 -20.74 -8.10
C GLY A 66 -13.41 -19.74 -8.23
N ALA A 67 -14.61 -20.17 -7.80
CA ALA A 67 -15.82 -19.42 -8.08
C ALA A 67 -15.97 -18.09 -7.32
N GLY A 68 -15.19 -17.93 -6.25
CA GLY A 68 -15.23 -16.73 -5.44
C GLY A 68 -16.61 -16.43 -4.90
N THR A 69 -17.11 -15.22 -5.20
CA THR A 69 -18.45 -14.81 -4.80
C THR A 69 -19.53 -15.46 -5.68
N GLY A 70 -19.15 -16.19 -6.72
CA GLY A 70 -20.10 -16.97 -7.52
C GLY A 70 -20.54 -16.32 -8.82
N ILE A 71 -20.02 -15.11 -9.08
CA ILE A 71 -20.52 -14.28 -10.15
C ILE A 71 -20.43 -14.92 -11.55
N LEU A 72 -19.33 -15.60 -11.84
CA LEU A 72 -19.16 -16.21 -13.15
C LEU A 72 -20.07 -17.43 -13.33
N SER A 73 -20.27 -18.17 -12.24
CA SER A 73 -21.16 -19.33 -12.24
C SER A 73 -22.58 -18.87 -12.52
N ILE A 74 -22.97 -17.73 -11.97
CA ILE A 74 -24.28 -17.17 -12.23
C ILE A 74 -24.40 -16.71 -13.70
N PHE A 75 -23.35 -16.09 -14.25
CA PHE A 75 -23.35 -15.76 -15.66
C PHE A 75 -23.62 -17.00 -16.50
N CYS A 76 -22.99 -18.13 -16.15
CA CYS A 76 -23.19 -19.37 -16.89
C CYS A 76 -24.64 -19.89 -16.85
N ALA A 77 -25.26 -19.85 -15.66
CA ALA A 77 -26.66 -20.20 -15.48
C ALA A 77 -27.55 -19.25 -16.27
N GLN A 78 -27.22 -17.97 -16.26
CA GLN A 78 -27.96 -16.98 -17.06
C GLN A 78 -27.84 -17.27 -18.57
N ALA A 79 -26.73 -17.86 -19.00
CA ALA A 79 -26.55 -18.27 -20.38
C ALA A 79 -27.24 -19.60 -20.69
N GLY A 80 -27.94 -20.19 -19.72
CA GLY A 80 -28.74 -21.37 -19.96
C GLY A 80 -28.15 -22.71 -19.51
N ALA A 81 -27.03 -22.69 -18.78
CA ALA A 81 -26.45 -23.95 -18.29
C ALA A 81 -27.41 -24.60 -17.34
N ARG A 82 -27.52 -25.92 -17.43
CA ARG A 82 -28.49 -26.66 -16.63
CA ARG A 82 -28.47 -26.70 -16.63
C ARG A 82 -27.97 -26.82 -15.20
N ARG A 83 -26.66 -26.95 -15.07
CA ARG A 83 -26.04 -27.15 -13.79
C ARG A 83 -24.60 -26.60 -13.81
N VAL A 84 -24.26 -25.85 -12.77
CA VAL A 84 -22.91 -25.27 -12.61
C VAL A 84 -22.36 -25.65 -11.25
N TYR A 85 -21.18 -26.25 -11.24
CA TYR A 85 -20.46 -26.56 -10.02
C TYR A 85 -19.43 -25.46 -9.74
N ALA A 86 -19.72 -24.66 -8.72
CA ALA A 86 -18.91 -23.52 -8.35
C ALA A 86 -17.96 -23.95 -7.25
N VAL A 87 -16.72 -24.28 -7.62
CA VAL A 87 -15.77 -24.85 -6.67
C VAL A 87 -14.86 -23.73 -6.12
N GLU A 88 -14.79 -23.62 -4.79
CA GLU A 88 -14.09 -22.51 -4.17
C GLU A 88 -13.41 -22.98 -2.89
N ALA A 89 -12.10 -22.81 -2.84
CA ALA A 89 -11.30 -23.31 -1.73
C ALA A 89 -11.26 -22.38 -0.52
N SER A 90 -11.64 -21.12 -0.68
CA SER A 90 -11.57 -20.15 0.42
C SER A 90 -12.92 -20.10 1.13
N ALA A 91 -12.93 -19.47 2.31
CA ALA A 91 -14.15 -19.33 3.09
C ALA A 91 -15.21 -18.49 2.39
N ILE A 92 -14.81 -17.73 1.35
CA ILE A 92 -15.78 -16.97 0.52
C ILE A 92 -16.86 -17.86 -0.13
N TRP A 93 -16.62 -19.17 -0.17
CA TRP A 93 -17.65 -20.08 -0.68
C TRP A 93 -19.00 -19.90 0.01
N GLN A 94 -19.01 -19.49 1.28
CA GLN A 94 -20.24 -19.26 2.02
C GLN A 94 -21.01 -18.10 1.42
N GLN A 95 -20.31 -17.04 1.09
CA GLN A 95 -20.94 -15.88 0.46
C GLN A 95 -21.46 -16.24 -0.93
N ALA A 96 -20.71 -17.09 -1.66
CA ALA A 96 -21.17 -17.48 -2.99
C ALA A 96 -22.48 -18.26 -2.90
N ARG A 97 -22.53 -19.20 -1.95
CA ARG A 97 -23.78 -19.94 -1.74
C ARG A 97 -24.94 -19.00 -1.39
N GLU A 98 -24.70 -17.97 -0.57
CA GLU A 98 -25.74 -16.97 -0.25
C GLU A 98 -26.17 -16.18 -1.49
N VAL A 99 -25.21 -15.75 -2.30
CA VAL A 99 -25.54 -15.00 -3.53
C VAL A 99 -26.39 -15.86 -4.46
N VAL A 100 -25.99 -17.11 -4.64
CA VAL A 100 -26.74 -18.05 -5.47
C VAL A 100 -28.19 -18.18 -4.99
N ARG A 101 -28.39 -18.43 -3.70
CA ARG A 101 -29.73 -18.53 -3.13
C ARG A 101 -30.52 -17.24 -3.30
N PHE A 102 -29.88 -16.11 -3.05
CA PHE A 102 -30.52 -14.81 -3.13
C PHE A 102 -31.00 -14.50 -4.55
N ASN A 103 -30.34 -15.06 -5.56
CA ASN A 103 -30.80 -14.90 -6.93
C ASN A 103 -31.71 -16.05 -7.40
N GLY A 104 -32.18 -16.86 -6.47
CA GLY A 104 -33.04 -17.98 -6.82
C GLY A 104 -32.42 -19.04 -7.72
N LEU A 105 -31.11 -19.24 -7.63
CA LEU A 105 -30.44 -20.16 -8.56
C LEU A 105 -29.88 -21.43 -7.91
N GLU A 106 -30.33 -21.73 -6.71
CA GLU A 106 -29.81 -22.86 -5.94
C GLU A 106 -30.01 -24.22 -6.64
N ASP A 107 -30.98 -24.29 -7.54
CA ASP A 107 -31.22 -25.48 -8.33
C ASP A 107 -30.25 -25.60 -9.52
N ARG A 108 -29.70 -24.47 -9.97
CA ARG A 108 -28.86 -24.44 -11.15
C ARG A 108 -27.40 -24.43 -10.75
N VAL A 109 -27.04 -23.63 -9.74
CA VAL A 109 -25.67 -23.52 -9.28
C VAL A 109 -25.46 -24.18 -7.92
N HIS A 110 -24.53 -25.12 -7.86
CA HIS A 110 -24.15 -25.76 -6.60
C HIS A 110 -22.75 -25.31 -6.21
N VAL A 111 -22.63 -24.72 -5.04
CA VAL A 111 -21.34 -24.26 -4.58
C VAL A 111 -20.69 -25.38 -3.78
N LEU A 112 -19.46 -25.76 -4.15
CA LEU A 112 -18.71 -26.85 -3.50
C LEU A 112 -17.41 -26.31 -2.87
N PRO A 113 -17.24 -26.47 -1.54
CA PRO A 113 -16.05 -25.92 -0.90
C PRO A 113 -14.83 -26.80 -1.11
N GLY A 114 -13.65 -26.23 -1.06
CA GLY A 114 -12.41 -27.00 -1.10
C GLY A 114 -11.66 -26.83 -2.41
N PRO A 115 -10.41 -27.33 -2.46
CA PRO A 115 -9.60 -27.24 -3.68
C PRO A 115 -10.19 -28.04 -4.80
N VAL A 116 -10.10 -27.53 -6.01
CA VAL A 116 -10.63 -28.25 -7.15
C VAL A 116 -9.85 -29.56 -7.38
N GLU A 117 -8.63 -29.63 -6.89
CA GLU A 117 -7.78 -30.81 -7.08
C GLU A 117 -8.36 -32.05 -6.38
N THR A 118 -9.10 -31.83 -5.29
CA THR A 118 -9.68 -32.93 -4.54
C THR A 118 -11.20 -32.94 -4.46
N VAL A 119 -11.86 -31.94 -5.02
CA VAL A 119 -13.33 -31.91 -5.02
C VAL A 119 -13.85 -33.17 -5.73
N GLU A 120 -15.03 -33.62 -5.30
CA GLU A 120 -15.69 -34.73 -6.01
C GLU A 120 -16.96 -34.20 -6.67
N LEU A 121 -16.97 -34.18 -8.00
CA LEU A 121 -18.16 -33.79 -8.75
C LEU A 121 -18.98 -35.05 -9.02
N PRO A 122 -20.31 -34.90 -9.20
CA PRO A 122 -21.12 -36.07 -9.54
C PRO A 122 -20.93 -36.56 -10.97
N GLU A 123 -20.24 -35.79 -11.80
CA GLU A 123 -20.20 -36.05 -13.25
C GLU A 123 -19.08 -35.21 -13.86
N GLN A 124 -18.63 -35.63 -15.04
CA GLN A 124 -17.78 -34.81 -15.89
C GLN A 124 -18.60 -33.67 -16.43
N VAL A 125 -17.92 -32.62 -16.87
CA VAL A 125 -18.63 -31.43 -17.33
C VAL A 125 -18.39 -31.12 -18.80
N ASP A 126 -19.32 -30.37 -19.36
CA ASP A 126 -19.25 -29.92 -20.72
C ASP A 126 -18.36 -28.70 -20.90
N ALA A 127 -18.13 -27.95 -19.82
CA ALA A 127 -17.38 -26.69 -19.93
C ALA A 127 -16.77 -26.31 -18.61
N ILE A 128 -15.63 -25.65 -18.71
CA ILE A 128 -14.97 -25.07 -17.55
C ILE A 128 -14.84 -23.57 -17.78
N VAL A 129 -15.20 -22.81 -16.77
CA VAL A 129 -14.94 -21.36 -16.75
C VAL A 129 -14.03 -21.07 -15.55
N SER A 130 -13.10 -20.14 -15.71
CA SER A 130 -12.21 -19.78 -14.62
C SER A 130 -11.54 -18.45 -14.89
N GLU A 131 -11.51 -17.61 -13.85
CA GLU A 131 -10.62 -16.47 -13.85
C GLU A 131 -9.48 -16.85 -12.91
N TRP A 132 -8.39 -17.24 -13.54
CA TRP A 132 -7.24 -17.86 -12.89
C TRP A 132 -5.98 -17.00 -12.97
N MET A 133 -6.08 -15.84 -13.61
CA MET A 133 -4.90 -15.08 -13.99
C MET A 133 -4.42 -14.18 -12.86
N GLY A 134 -3.12 -14.27 -12.57
CA GLY A 134 -2.51 -13.39 -11.61
C GLY A 134 -1.74 -12.24 -12.27
N TYR A 135 -1.13 -11.39 -11.44
CA TYR A 135 -0.21 -10.41 -11.97
C TYR A 135 0.82 -11.15 -12.81
N GLY A 136 1.23 -10.53 -13.92
CA GLY A 136 2.12 -11.17 -14.88
C GLY A 136 1.62 -12.51 -15.38
N LEU A 137 0.28 -12.63 -15.42
CA LEU A 137 -0.45 -13.85 -15.77
C LEU A 137 -0.37 -14.98 -14.74
N LEU A 138 0.87 -15.36 -14.38
CA LEU A 138 1.14 -16.61 -13.67
C LEU A 138 1.44 -16.49 -12.18
N HIS A 139 1.50 -15.26 -11.66
CA HIS A 139 1.55 -15.07 -10.22
C HIS A 139 0.30 -15.73 -9.62
N GLU A 140 0.46 -16.34 -8.45
CA GLU A 140 -0.54 -17.16 -7.78
C GLU A 140 -0.53 -18.65 -8.21
N SER A 141 -0.01 -18.92 -9.40
N SER A 141 -0.01 -18.92 -9.40
CA SER A 141 0.14 -20.26 -9.92
CA SER A 141 0.11 -20.28 -9.92
C SER A 141 -1.18 -21.03 -9.98
C SER A 141 -1.20 -21.04 -9.99
N MET A 142 -2.28 -20.34 -10.28
CA MET A 142 -3.60 -20.98 -10.32
C MET A 142 -3.82 -21.81 -11.58
N LEU A 143 -3.09 -21.53 -12.66
CA LEU A 143 -3.36 -22.19 -13.92
C LEU A 143 -3.30 -23.70 -13.80
N SER A 144 -2.33 -24.22 -13.03
CA SER A 144 -2.22 -25.67 -12.88
C SER A 144 -3.49 -26.31 -12.29
N SER A 145 -4.20 -25.56 -11.44
CA SER A 145 -5.47 -26.03 -10.87
C SER A 145 -6.54 -26.14 -11.94
N VAL A 146 -6.57 -25.18 -12.86
CA VAL A 146 -7.51 -25.21 -13.96
C VAL A 146 -7.21 -26.39 -14.89
N LEU A 147 -5.94 -26.62 -15.18
CA LEU A 147 -5.57 -27.71 -16.07
C LEU A 147 -5.81 -29.08 -15.42
N HIS A 148 -5.57 -29.15 -14.12
CA HIS A 148 -5.85 -30.33 -13.34
C HIS A 148 -7.34 -30.67 -13.44
N ALA A 149 -8.19 -29.67 -13.24
CA ALA A 149 -9.64 -29.82 -13.38
C ALA A 149 -10.05 -30.23 -14.80
N ARG A 150 -9.42 -29.62 -15.80
CA ARG A 150 -9.70 -29.94 -17.18
C ARG A 150 -9.40 -31.42 -17.47
N THR A 151 -8.20 -31.87 -17.10
CA THR A 151 -7.77 -33.25 -17.33
C THR A 151 -8.70 -34.24 -16.63
N LYS A 152 -9.07 -33.94 -15.38
CA LYS A 152 -9.89 -34.84 -14.58
C LYS A 152 -11.38 -34.81 -14.90
N TRP A 153 -11.93 -33.64 -15.23
CA TRP A 153 -13.38 -33.44 -15.25
C TRP A 153 -14.00 -32.97 -16.57
N LEU A 154 -13.24 -32.33 -17.47
CA LEU A 154 -13.81 -31.82 -18.71
C LEU A 154 -14.00 -32.96 -19.73
N LYS A 155 -15.21 -33.09 -20.23
CA LYS A 155 -15.48 -34.11 -21.23
C LYS A 155 -14.61 -33.81 -22.43
N GLU A 156 -14.31 -34.85 -23.19
CA GLU A 156 -13.54 -34.69 -24.42
C GLU A 156 -14.27 -33.72 -25.35
N GLY A 157 -13.53 -32.78 -25.92
CA GLY A 157 -14.11 -31.76 -26.77
C GLY A 157 -14.86 -30.66 -26.02
N GLY A 158 -14.78 -30.66 -24.69
CA GLY A 158 -15.47 -29.66 -23.88
C GLY A 158 -14.93 -28.25 -24.06
N LEU A 159 -15.70 -27.27 -23.61
CA LEU A 159 -15.39 -25.86 -23.79
C LEU A 159 -14.57 -25.31 -22.62
N LEU A 160 -13.62 -24.43 -22.94
CA LEU A 160 -12.80 -23.75 -21.96
C LEU A 160 -12.92 -22.26 -22.14
N LEU A 161 -13.26 -21.58 -21.05
CA LEU A 161 -13.45 -20.15 -21.06
C LEU A 161 -12.60 -19.46 -19.99
N PRO A 162 -11.65 -18.61 -20.38
CA PRO A 162 -11.14 -18.46 -21.74
C PRO A 162 -10.37 -19.69 -22.21
N ALA A 163 -10.04 -19.72 -23.50
CA ALA A 163 -9.45 -20.87 -24.15
C ALA A 163 -7.93 -20.81 -24.21
N SER A 164 -7.40 -19.59 -24.22
CA SER A 164 -5.97 -19.42 -24.39
C SER A 164 -5.51 -18.13 -23.72
N ALA A 165 -4.18 -18.07 -23.53
CA ALA A 165 -3.53 -16.87 -23.01
C ALA A 165 -2.27 -16.55 -23.80
N GLU A 166 -1.94 -15.27 -23.85
CA GLU A 166 -0.70 -14.83 -24.46
C GLU A 166 0.00 -13.83 -23.58
N LEU A 167 1.33 -13.94 -23.54
CA LEU A 167 2.18 -12.98 -22.84
C LEU A 167 2.97 -12.09 -23.80
N PHE A 168 3.14 -10.83 -23.41
CA PHE A 168 3.79 -9.81 -24.18
C PHE A 168 4.83 -9.05 -23.35
N ILE A 169 5.90 -8.61 -23.99
CA ILE A 169 6.94 -7.80 -23.36
C ILE A 169 7.26 -6.60 -24.24
N ALA A 170 7.57 -5.46 -23.63
CA ALA A 170 8.09 -4.33 -24.38
C ALA A 170 9.03 -3.53 -23.49
N PRO A 171 10.05 -2.91 -24.11
CA PRO A 171 10.88 -2.00 -23.34
C PRO A 171 10.05 -0.77 -23.02
N ILE A 172 10.32 -0.15 -21.87
CA ILE A 172 9.52 0.98 -21.42
C ILE A 172 10.37 2.09 -20.84
N SER A 173 9.79 3.29 -20.88
CA SER A 173 10.23 4.44 -20.13
C SER A 173 9.04 4.85 -19.28
N ASP A 174 9.14 4.57 -17.98
CA ASP A 174 8.11 4.85 -17.02
C ASP A 174 8.17 6.31 -16.58
N GLN A 175 7.30 7.14 -17.17
CA GLN A 175 7.35 8.59 -16.91
C GLN A 175 7.12 8.89 -15.44
N MET A 176 6.25 8.15 -14.78
N MET A 176 6.25 8.15 -14.78
CA MET A 176 6.00 8.36 -13.37
CA MET A 176 6.00 8.37 -13.37
C MET A 176 7.27 8.08 -12.55
C MET A 176 7.26 8.07 -12.53
N LEU A 177 7.99 7.00 -12.89
CA LEU A 177 9.28 6.69 -12.25
C LEU A 177 10.26 7.83 -12.51
N GLU A 178 10.34 8.28 -13.74
CA GLU A 178 11.26 9.33 -14.08
C GLU A 178 11.00 10.58 -13.22
N TRP A 179 9.73 10.94 -13.02
CA TRP A 179 9.37 12.07 -12.13
C TRP A 179 9.82 11.83 -10.68
N ARG A 180 9.75 10.59 -10.20
CA ARG A 180 10.24 10.28 -8.87
C ARG A 180 11.75 10.42 -8.76
N LEU A 181 12.47 9.96 -9.79
CA LEU A 181 13.93 10.09 -9.83
C LEU A 181 14.37 11.56 -9.92
N GLY A 182 13.61 12.36 -10.66
CA GLY A 182 13.92 13.78 -10.88
C GLY A 182 13.45 14.69 -9.75
N PHE A 183 12.65 14.16 -8.83
CA PHE A 183 12.12 14.89 -7.68
C PHE A 183 13.24 15.63 -6.94
N TRP A 184 14.35 14.95 -6.72
CA TRP A 184 15.40 15.46 -5.87
C TRP A 184 16.06 16.72 -6.44
N SER A 185 16.10 16.81 -7.77
N SER A 185 16.10 16.81 -7.77
CA SER A 185 16.67 17.98 -8.43
CA SER A 185 16.67 17.98 -8.42
C SER A 185 15.73 19.19 -8.42
C SER A 185 15.73 19.19 -8.42
N GLN A 186 14.46 18.98 -8.04
CA GLN A 186 13.50 20.07 -7.94
C GLN A 186 13.36 20.62 -6.52
N VAL A 187 14.02 20.01 -5.54
CA VAL A 187 13.91 20.47 -4.16
C VAL A 187 14.44 21.91 -4.00
N LYS A 188 15.56 22.20 -4.64
CA LYS A 188 16.17 23.53 -4.51
C LYS A 188 15.18 24.64 -4.84
N GLN A 189 14.45 24.49 -5.95
CA GLN A 189 13.55 25.51 -6.39
C GLN A 189 12.47 25.83 -5.36
N HIS A 190 11.94 24.85 -4.66
CA HIS A 190 10.94 25.19 -3.68
C HIS A 190 11.42 25.44 -2.26
N TYR A 191 12.47 24.75 -1.83
CA TYR A 191 12.86 24.85 -0.43
C TYR A 191 14.23 25.48 -0.23
N GLY A 192 14.98 25.73 -1.31
CA GLY A 192 16.28 26.38 -1.18
C GLY A 192 17.40 25.50 -0.71
N VAL A 193 17.22 24.19 -0.82
CA VAL A 193 18.26 23.21 -0.48
C VAL A 193 18.49 22.34 -1.71
N ASP A 194 19.74 22.21 -2.11
CA ASP A 194 20.07 21.41 -3.29
C ASP A 194 20.21 19.94 -2.92
N MET A 195 19.28 19.11 -3.37
CA MET A 195 19.33 17.69 -3.07
C MET A 195 19.46 16.85 -4.33
N SER A 196 19.97 17.47 -5.39
CA SER A 196 20.13 16.76 -6.65
C SER A 196 21.14 15.62 -6.52
N CYS A 197 22.06 15.73 -5.56
CA CYS A 197 23.00 14.66 -5.27
C CYS A 197 22.35 13.34 -4.81
N LEU A 198 21.05 13.33 -4.50
CA LEU A 198 20.35 12.08 -4.09
C LEU A 198 19.71 11.28 -5.23
N GLU A 199 19.88 11.74 -6.45
CA GLU A 199 19.34 11.01 -7.58
C GLU A 199 19.87 9.59 -7.66
N GLY A 200 21.17 9.44 -7.48
CA GLY A 200 21.81 8.12 -7.47
C GLY A 200 21.18 7.19 -6.45
N PHE A 201 21.03 7.70 -5.22
CA PHE A 201 20.40 6.97 -4.13
C PHE A 201 18.97 6.57 -4.49
N ALA A 202 18.22 7.53 -5.01
CA ALA A 202 16.84 7.25 -5.41
C ALA A 202 16.80 6.16 -6.46
N THR A 203 17.72 6.23 -7.42
CA THR A 203 17.81 5.23 -8.45
C THR A 203 18.08 3.84 -7.87
N ARG A 204 19.07 3.73 -6.98
CA ARG A 204 19.36 2.43 -6.35
C ARG A 204 18.15 1.88 -5.60
N CYS A 205 17.42 2.73 -4.88
CA CYS A 205 16.24 2.29 -4.15
C CYS A 205 15.09 1.88 -5.04
N LEU A 206 14.82 2.65 -6.09
CA LEU A 206 13.61 2.46 -6.86
C LEU A 206 13.80 1.51 -8.03
N MET A 207 15.05 1.34 -8.48
CA MET A 207 15.36 0.51 -9.66
C MET A 207 16.30 -0.66 -9.34
N GLY A 208 17.15 -0.51 -8.33
CA GLY A 208 18.19 -1.51 -8.02
C GLY A 208 17.72 -2.74 -7.25
N HIS A 209 16.48 -2.74 -6.79
CA HIS A 209 15.90 -3.91 -6.16
C HIS A 209 15.62 -4.97 -7.25
N SER A 210 15.21 -6.16 -6.81
N SER A 210 15.21 -6.16 -6.81
CA SER A 210 14.87 -7.27 -7.71
CA SER A 210 14.87 -7.27 -7.71
C SER A 210 13.42 -7.75 -7.55
C SER A 210 13.42 -7.74 -7.55
N GLU A 211 12.52 -6.80 -7.32
CA GLU A 211 11.12 -7.12 -7.19
C GLU A 211 10.38 -6.78 -8.46
N ILE A 212 9.39 -7.60 -8.80
CA ILE A 212 8.49 -7.28 -9.86
C ILE A 212 7.51 -6.24 -9.30
N VAL A 213 7.36 -5.13 -10.02
CA VAL A 213 6.46 -4.03 -9.57
C VAL A 213 5.19 -4.00 -10.40
N VAL A 214 4.04 -4.01 -9.73
CA VAL A 214 2.77 -3.91 -10.41
C VAL A 214 2.42 -2.45 -10.52
N GLN A 215 2.37 -1.96 -11.74
CA GLN A 215 2.21 -0.54 -11.97
C GLN A 215 1.52 -0.35 -13.31
N GLY A 216 0.59 0.60 -13.37
CA GLY A 216 -0.11 0.89 -14.62
C GLY A 216 0.70 1.85 -15.47
N LEU A 217 0.90 1.53 -16.76
CA LEU A 217 1.60 2.46 -17.66
C LEU A 217 0.67 3.00 -18.72
N SER A 218 1.11 4.10 -19.34
CA SER A 218 0.46 4.69 -20.48
C SER A 218 1.02 4.04 -21.70
N GLY A 219 0.24 4.04 -22.78
CA GLY A 219 0.75 3.75 -24.12
C GLY A 219 2.03 4.51 -24.46
N GLU A 220 2.08 5.77 -24.03
N GLU A 220 2.09 5.77 -24.08
CA GLU A 220 3.22 6.66 -24.29
CA GLU A 220 3.25 6.56 -24.46
C GLU A 220 4.52 6.18 -23.64
C GLU A 220 4.53 6.17 -23.66
N ASP A 221 4.42 5.29 -22.66
CA ASP A 221 5.59 4.74 -21.99
C ASP A 221 6.24 3.57 -22.74
N VAL A 222 5.60 3.07 -23.80
CA VAL A 222 6.11 1.94 -24.56
C VAL A 222 7.09 2.38 -25.62
N LEU A 223 8.31 1.82 -25.58
CA LEU A 223 9.42 2.27 -26.42
C LEU A 223 9.62 1.47 -27.71
N ALA A 224 8.90 0.35 -27.87
CA ALA A 224 9.03 -0.45 -29.10
C ALA A 224 7.80 -1.33 -29.24
N ARG A 225 7.64 -1.91 -30.42
CA ARG A 225 6.52 -2.80 -30.70
C ARG A 225 6.50 -3.95 -29.68
N PRO A 226 5.36 -4.14 -29.02
CA PRO A 226 5.32 -5.25 -28.04
C PRO A 226 5.49 -6.60 -28.70
N GLN A 227 6.14 -7.52 -28.00
CA GLN A 227 6.49 -8.80 -28.55
C GLN A 227 5.80 -9.89 -27.77
N ARG A 228 5.12 -10.79 -28.48
CA ARG A 228 4.61 -11.97 -27.84
C ARG A 228 5.77 -12.93 -27.51
N PHE A 229 5.83 -13.38 -26.27
CA PHE A 229 6.89 -14.30 -25.86
C PHE A 229 6.36 -15.63 -25.31
N ALA A 230 5.05 -15.79 -25.26
CA ALA A 230 4.44 -17.07 -24.97
C ALA A 230 2.97 -17.10 -25.39
N GLN A 231 2.54 -18.28 -25.80
CA GLN A 231 1.15 -18.58 -26.14
C GLN A 231 0.80 -19.84 -25.38
N LEU A 232 -0.27 -19.76 -24.59
CA LEU A 232 -0.74 -20.90 -23.82
C LEU A 232 -2.08 -21.33 -24.39
N GLU A 233 -2.13 -22.49 -25.06
CA GLU A 233 -3.39 -23.04 -25.54
C GLU A 233 -3.86 -24.02 -24.48
N LEU A 234 -4.91 -23.66 -23.76
CA LEU A 234 -5.25 -24.39 -22.53
C LEU A 234 -5.76 -25.83 -22.76
N SER A 235 -6.25 -26.13 -23.98
CA SER A 235 -6.68 -27.48 -24.32
C SER A 235 -5.53 -28.46 -24.52
N ARG A 236 -4.30 -27.97 -24.57
CA ARG A 236 -3.19 -28.86 -24.86
C ARG A 236 -2.77 -29.76 -23.70
N ALA A 237 -2.92 -31.06 -23.86
CA ALA A 237 -2.33 -32.01 -22.91
C ALA A 237 -0.81 -31.80 -22.96
N GLY A 238 -0.17 -31.77 -21.79
CA GLY A 238 1.26 -31.48 -21.67
C GLY A 238 1.59 -30.07 -21.20
N LEU A 239 0.66 -29.15 -21.36
CA LEU A 239 0.86 -27.79 -20.89
C LEU A 239 1.19 -27.75 -19.40
N GLU A 240 0.55 -28.62 -18.63
CA GLU A 240 0.82 -28.75 -17.20
C GLU A 240 2.32 -28.80 -16.90
N GLN A 241 3.06 -29.66 -17.62
CA GLN A 241 4.48 -29.88 -17.31
C GLN A 241 5.38 -28.72 -17.78
N GLU A 242 4.95 -28.04 -18.83
CA GLU A 242 5.68 -26.88 -19.35
C GLU A 242 5.73 -25.76 -18.32
N LEU A 243 4.65 -25.58 -17.57
CA LEU A 243 4.61 -24.54 -16.53
C LEU A 243 5.75 -24.68 -15.53
N GLN A 244 6.06 -25.95 -15.25
CA GLN A 244 7.16 -26.37 -14.38
C GLN A 244 8.55 -26.04 -14.98
N ALA A 245 8.76 -26.31 -16.25
CA ALA A 245 9.99 -25.88 -16.92
C ALA A 245 10.15 -24.35 -17.06
N GLY A 246 9.04 -23.62 -17.09
CA GLY A 246 9.09 -22.20 -17.31
C GLY A 246 8.32 -21.84 -18.57
N VAL A 247 7.72 -20.67 -18.55
CA VAL A 247 7.02 -20.16 -19.67
C VAL A 247 7.83 -18.98 -20.18
N GLY A 248 8.11 -18.96 -21.48
CA GLY A 248 8.82 -17.87 -22.07
C GLY A 248 9.69 -18.25 -23.26
N GLY A 249 10.66 -17.40 -23.53
CA GLY A 249 11.54 -17.57 -24.69
C GLY A 249 12.24 -16.27 -25.02
N ARG A 250 12.83 -16.22 -26.21
N ARG A 250 12.83 -16.22 -26.21
CA ARG A 250 13.50 -15.02 -26.66
CA ARG A 250 13.55 -15.04 -26.66
C ARG A 250 12.58 -13.91 -27.14
C ARG A 250 12.65 -13.95 -27.26
N PHE A 251 13.11 -12.70 -27.17
CA PHE A 251 12.42 -11.57 -27.79
C PHE A 251 13.44 -10.66 -28.45
N ARG A 252 12.97 -9.88 -29.40
CA ARG A 252 13.78 -8.86 -30.06
C ARG A 252 12.84 -7.82 -30.58
N CYS A 253 13.27 -6.56 -30.51
CA CYS A 253 12.47 -5.46 -31.02
C CYS A 253 13.38 -4.25 -31.25
N SER A 254 12.81 -3.21 -31.84
CA SER A 254 13.59 -2.03 -32.15
C SER A 254 12.86 -0.75 -31.71
N CYS A 255 13.59 0.14 -31.04
CA CYS A 255 12.98 1.28 -30.36
C CYS A 255 12.44 2.35 -31.31
N TYR A 256 11.39 3.02 -30.88
CA TYR A 256 10.71 4.06 -31.65
C TYR A 256 11.49 5.40 -31.69
N GLY A 257 12.21 5.72 -30.64
CA GLY A 257 12.84 7.05 -30.51
C GLY A 257 13.68 7.22 -29.26
N SER A 258 14.09 8.46 -29.01
CA SER A 258 14.94 8.80 -27.87
C SER A 258 14.20 8.74 -26.54
N ALA A 259 14.79 8.10 -25.54
CA ALA A 259 14.13 7.93 -24.25
C ALA A 259 15.09 7.25 -23.26
N PRO A 260 14.96 7.57 -21.95
CA PRO A 260 15.64 6.84 -20.91
C PRO A 260 14.85 5.58 -20.64
N MET A 261 15.39 4.44 -21.06
CA MET A 261 14.72 3.17 -20.87
C MET A 261 14.93 2.72 -19.45
N HIS A 262 13.85 2.35 -18.79
CA HIS A 262 13.88 1.96 -17.40
C HIS A 262 13.82 0.45 -17.20
N GLY A 263 13.43 -0.27 -18.24
CA GLY A 263 13.26 -1.69 -18.15
C GLY A 263 12.21 -2.19 -19.11
N PHE A 264 11.49 -3.22 -18.68
CA PHE A 264 10.47 -3.86 -19.49
C PHE A 264 9.15 -3.93 -18.71
N ALA A 265 8.05 -3.94 -19.46
CA ALA A 265 6.74 -4.29 -18.93
C ALA A 265 6.30 -5.57 -19.58
N ILE A 266 5.69 -6.43 -18.77
CA ILE A 266 4.98 -7.56 -19.30
C ILE A 266 3.48 -7.47 -18.98
N TRP A 267 2.71 -8.10 -19.84
CA TRP A 267 1.27 -8.14 -19.68
C TRP A 267 0.75 -9.30 -20.47
N PHE A 268 -0.56 -9.50 -20.41
CA PHE A 268 -1.18 -10.65 -21.04
C PHE A 268 -2.55 -10.34 -21.60
N GLN A 269 -3.04 -11.26 -22.39
CA GLN A 269 -4.43 -11.26 -22.77
C GLN A 269 -4.92 -12.67 -22.72
N VAL A 270 -6.24 -12.82 -22.64
CA VAL A 270 -6.86 -14.12 -22.76
C VAL A 270 -7.99 -13.99 -23.76
N THR A 271 -8.31 -15.11 -24.41
CA THR A 271 -9.26 -15.12 -25.51
C THR A 271 -10.36 -16.11 -25.26
N PHE A 272 -11.59 -15.64 -25.43
CA PHE A 272 -12.77 -16.46 -25.31
C PHE A 272 -13.22 -16.83 -26.71
N PRO A 273 -13.51 -18.13 -26.94
CA PRO A 273 -13.97 -18.54 -28.29
C PRO A 273 -15.23 -17.79 -28.69
N GLY A 274 -15.43 -17.65 -29.99
CA GLY A 274 -16.42 -16.75 -30.53
C GLY A 274 -17.86 -17.19 -30.50
N GLY A 275 -18.12 -18.48 -30.36
CA GLY A 275 -19.49 -19.00 -30.38
C GLY A 275 -20.11 -19.04 -31.78
N GLU A 276 -21.43 -19.11 -31.82
CA GLU A 276 -22.23 -19.06 -33.05
C GLU A 276 -21.91 -17.84 -33.87
N SER A 277 -21.82 -16.70 -33.18
CA SER A 277 -21.63 -15.40 -33.81
C SER A 277 -20.21 -15.27 -34.38
N GLU A 278 -19.30 -16.12 -33.91
CA GLU A 278 -17.95 -16.22 -34.44
C GLU A 278 -17.26 -14.88 -34.25
N LYS A 279 -17.31 -14.43 -33.01
CA LYS A 279 -16.76 -13.17 -32.58
C LYS A 279 -15.91 -13.43 -31.33
N PRO A 280 -14.63 -13.84 -31.52
CA PRO A 280 -13.78 -14.08 -30.34
C PRO A 280 -13.62 -12.82 -29.51
N LEU A 281 -13.72 -12.96 -28.21
CA LEU A 281 -13.58 -11.83 -27.32
C LEU A 281 -12.22 -11.87 -26.63
N VAL A 282 -11.44 -10.80 -26.80
CA VAL A 282 -10.11 -10.72 -26.20
C VAL A 282 -10.18 -9.85 -24.94
N LEU A 283 -9.78 -10.42 -23.81
CA LEU A 283 -9.54 -9.62 -22.60
C LEU A 283 -8.04 -9.29 -22.53
N SER A 284 -7.71 -7.99 -22.67
CA SER A 284 -6.32 -7.54 -22.73
C SER A 284 -5.93 -6.72 -21.51
N THR A 285 -4.68 -6.83 -21.07
CA THR A 285 -4.16 -5.98 -19.99
C THR A 285 -3.05 -5.06 -20.48
N SER A 286 -3.02 -4.85 -21.79
CA SER A 286 -2.04 -3.97 -22.44
C SER A 286 -2.17 -2.50 -22.01
N PRO A 287 -1.05 -1.79 -21.91
CA PRO A 287 -1.13 -0.34 -21.71
C PRO A 287 -1.87 0.39 -22.83
N PHE A 288 -2.04 -0.26 -24.00
CA PHE A 288 -2.76 0.35 -25.10
C PHE A 288 -4.27 0.22 -25.00
N HIS A 289 -4.72 -0.48 -23.97
CA HIS A 289 -6.12 -0.74 -23.76
C HIS A 289 -6.56 -0.24 -22.38
N PRO A 290 -7.89 -0.17 -22.15
CA PRO A 290 -8.36 0.36 -20.88
C PRO A 290 -7.74 -0.38 -19.68
N ALA A 291 -7.48 0.36 -18.61
CA ALA A 291 -6.90 -0.19 -17.41
C ALA A 291 -7.73 -1.31 -16.80
N THR A 292 -7.03 -2.29 -16.26
CA THR A 292 -7.58 -3.38 -15.49
C THR A 292 -6.83 -3.42 -14.15
N HIS A 293 -7.32 -4.23 -13.21
CA HIS A 293 -6.74 -4.24 -11.89
C HIS A 293 -5.40 -4.98 -11.94
N TRP A 294 -5.12 -5.68 -13.04
CA TRP A 294 -3.78 -6.32 -13.22
C TRP A 294 -2.70 -5.31 -13.59
N LYS A 295 -3.09 -4.14 -14.07
CA LYS A 295 -2.13 -3.12 -14.52
C LYS A 295 -1.13 -3.78 -15.46
N GLN A 296 0.17 -3.48 -15.29
CA GLN A 296 1.22 -4.26 -15.95
C GLN A 296 2.22 -4.61 -14.88
N ALA A 297 3.09 -5.56 -15.21
CA ALA A 297 4.15 -6.00 -14.34
C ALA A 297 5.47 -5.48 -14.87
N LEU A 298 6.14 -4.71 -14.03
CA LEU A 298 7.36 -3.99 -14.45
C LEU A 298 8.63 -4.64 -13.95
N LEU A 299 9.59 -4.73 -14.86
CA LEU A 299 10.90 -5.30 -14.66
C LEU A 299 11.94 -4.21 -14.89
N TYR A 300 12.35 -3.57 -13.82
CA TYR A 300 13.25 -2.42 -13.94
C TYR A 300 14.69 -2.87 -14.04
N LEU A 301 15.43 -2.22 -14.93
CA LEU A 301 16.87 -2.34 -14.95
C LEU A 301 17.41 -1.71 -13.66
N ASN A 302 18.65 -2.01 -13.32
CA ASN A 302 19.29 -1.35 -12.18
C ASN A 302 19.37 0.18 -12.28
N GLU A 303 19.50 0.69 -13.50
CA GLU A 303 19.43 2.12 -13.72
C GLU A 303 19.00 2.39 -15.16
N PRO A 304 18.66 3.65 -15.48
CA PRO A 304 18.21 3.87 -16.84
C PRO A 304 19.31 3.68 -17.89
N VAL A 305 18.91 3.38 -19.10
CA VAL A 305 19.84 3.34 -20.23
C VAL A 305 19.21 4.14 -21.34
N GLN A 306 19.96 5.05 -21.94
CA GLN A 306 19.42 5.90 -23.01
C GLN A 306 19.29 5.09 -24.29
N VAL A 307 18.13 5.18 -24.96
CA VAL A 307 17.94 4.54 -26.26
C VAL A 307 17.61 5.61 -27.29
N GLU A 308 17.72 5.23 -28.55
CA GLU A 308 17.36 6.14 -29.63
C GLU A 308 16.53 5.39 -30.62
N GLN A 309 15.97 6.11 -31.60
CA GLN A 309 15.27 5.46 -32.69
C GLN A 309 16.14 4.32 -33.25
N ASP A 310 15.50 3.17 -33.45
CA ASP A 310 16.14 1.97 -33.99
C ASP A 310 17.19 1.30 -33.12
N THR A 311 17.26 1.69 -31.84
CA THR A 311 18.08 0.93 -30.92
C THR A 311 17.46 -0.47 -30.80
N ASP A 312 18.28 -1.50 -30.97
CA ASP A 312 17.81 -2.87 -30.91
C ASP A 312 17.82 -3.35 -29.45
N VAL A 313 16.76 -4.04 -29.06
CA VAL A 313 16.62 -4.58 -27.72
C VAL A 313 16.24 -6.04 -27.86
N SER A 314 17.04 -6.91 -27.26
CA SER A 314 16.79 -8.33 -27.35
C SER A 314 17.13 -9.03 -26.04
N GLY A 315 16.74 -10.28 -25.93
CA GLY A 315 16.90 -10.98 -24.68
C GLY A 315 16.10 -12.26 -24.59
N GLU A 316 16.00 -12.76 -23.38
CA GLU A 316 15.16 -13.90 -23.08
C GLU A 316 14.56 -13.70 -21.71
N ILE A 317 13.34 -14.22 -21.58
CA ILE A 317 12.58 -14.11 -20.37
C ILE A 317 11.96 -15.46 -20.06
N THR A 318 11.90 -15.77 -18.77
CA THR A 318 11.24 -16.96 -18.31
C THR A 318 10.46 -16.64 -17.04
N LEU A 319 9.19 -17.07 -17.04
CA LEU A 319 8.35 -16.99 -15.87
C LEU A 319 8.27 -18.37 -15.20
N LEU A 320 8.52 -18.37 -13.89
CA LEU A 320 8.62 -19.59 -13.09
C LEU A 320 7.99 -19.37 -11.72
N PRO A 321 7.56 -20.45 -11.04
CA PRO A 321 7.25 -20.36 -9.61
C PRO A 321 8.52 -20.14 -8.79
N SER A 322 8.45 -19.40 -7.69
CA SER A 322 9.59 -19.30 -6.77
C SER A 322 9.80 -20.66 -6.11
N ARG A 323 11.04 -20.96 -5.75
CA ARG A 323 11.34 -22.25 -5.15
C ARG A 323 10.70 -22.32 -3.77
N ASP A 324 10.92 -21.28 -2.97
CA ASP A 324 10.44 -21.28 -1.59
C ASP A 324 8.93 -21.04 -1.46
N ASN A 325 8.34 -20.33 -2.42
CA ASN A 325 6.88 -20.22 -2.50
C ASN A 325 6.38 -20.39 -3.95
N PRO A 326 5.82 -21.56 -4.25
CA PRO A 326 5.32 -21.90 -5.59
C PRO A 326 4.28 -20.93 -6.14
N ARG A 327 3.54 -20.25 -5.28
CA ARG A 327 2.56 -19.28 -5.74
C ARG A 327 3.13 -17.89 -6.05
N ARG A 328 4.42 -17.66 -5.75
CA ARG A 328 5.06 -16.40 -6.02
C ARG A 328 5.80 -16.43 -7.35
N LEU A 329 5.47 -15.49 -8.23
CA LEU A 329 6.01 -15.45 -9.56
C LEU A 329 7.47 -15.03 -9.50
N ARG A 330 8.29 -15.71 -10.29
CA ARG A 330 9.67 -15.34 -10.46
C ARG A 330 9.91 -15.10 -11.95
N VAL A 331 10.70 -14.08 -12.29
CA VAL A 331 11.09 -13.78 -13.67
C VAL A 331 12.60 -13.78 -13.81
N LEU A 332 13.11 -14.63 -14.70
CA LEU A 332 14.53 -14.61 -15.06
C LEU A 332 14.65 -13.88 -16.37
N LEU A 333 15.37 -12.77 -16.35
CA LEU A 333 15.57 -11.93 -17.53
C LEU A 333 17.04 -11.90 -17.94
N ARG A 334 17.28 -12.10 -19.23
CA ARG A 334 18.56 -11.76 -19.85
C ARG A 334 18.22 -10.77 -20.97
N TYR A 335 19.03 -9.73 -21.13
CA TYR A 335 18.70 -8.67 -22.08
C TYR A 335 19.95 -7.97 -22.62
N LYS A 336 19.81 -7.40 -23.82
CA LYS A 336 20.88 -6.66 -24.47
C LYS A 336 20.27 -5.46 -25.14
N VAL A 337 20.76 -4.28 -24.76
CA VAL A 337 20.26 -3.05 -25.32
C VAL A 337 21.33 -2.45 -26.23
N GLY A 338 21.00 -2.27 -27.50
CA GLY A 338 21.93 -1.63 -28.42
C GLY A 338 23.16 -2.51 -28.50
N ASP A 339 24.33 -1.91 -28.39
CA ASP A 339 25.58 -2.65 -28.35
C ASP A 339 26.16 -2.65 -26.93
N GLN A 340 25.32 -2.41 -25.92
CA GLN A 340 25.71 -2.67 -24.54
C GLN A 340 26.01 -4.17 -24.38
N GLU A 341 26.78 -4.52 -23.38
CA GLU A 341 27.00 -5.93 -23.09
C GLU A 341 25.65 -6.52 -22.63
N GLU A 342 25.47 -7.81 -22.89
CA GLU A 342 24.32 -8.52 -22.39
C GLU A 342 24.33 -8.52 -20.86
N LYS A 343 23.16 -8.34 -20.27
CA LYS A 343 23.01 -8.35 -18.80
C LYS A 343 21.91 -9.27 -18.31
N THR A 344 21.92 -9.50 -17.01
CA THR A 344 21.07 -10.48 -16.37
C THR A 344 20.41 -9.87 -15.10
N LYS A 345 19.12 -10.21 -14.84
CA LYS A 345 18.44 -9.83 -13.60
C LYS A 345 17.32 -10.83 -13.26
N ASP A 346 17.26 -11.21 -12.02
N ASP A 346 17.23 -11.21 -11.99
CA ASP A 346 16.27 -12.16 -11.56
CA ASP A 346 16.31 -12.24 -11.49
C ASP A 346 15.33 -11.35 -10.71
C ASP A 346 15.31 -11.61 -10.51
N PHE A 347 14.04 -11.55 -10.90
CA PHE A 347 13.02 -10.85 -10.14
C PHE A 347 12.08 -11.81 -9.41
N ALA A 348 11.50 -11.34 -8.31
CA ALA A 348 10.38 -12.04 -7.65
C ALA A 348 9.25 -11.04 -7.37
N MET A 349 8.01 -11.50 -7.48
CA MET A 349 6.87 -10.62 -7.29
C MET A 349 6.90 -9.92 -5.94
N GLU A 350 6.73 -8.59 -5.96
CA GLU A 350 6.66 -7.80 -4.72
C GLU A 350 5.58 -8.38 -3.80
N ASP A 351 5.77 -8.25 -2.50
CA ASP A 351 4.71 -8.61 -1.54
C ASP A 351 3.49 -7.70 -1.74
N ASP B 1 26.55 -9.53 42.03
CA ASP B 1 25.35 -8.76 42.51
C ASP B 1 25.00 -7.58 41.58
N GLY B 2 25.91 -6.60 41.48
CA GLY B 2 25.85 -5.58 40.41
C GLY B 2 25.81 -6.29 39.06
N ALA B 3 26.67 -7.29 38.90
CA ALA B 3 26.75 -8.08 37.68
C ALA B 3 25.50 -8.88 37.41
N GLU B 4 24.93 -9.45 38.47
CA GLU B 4 23.71 -10.25 38.37
C GLU B 4 22.52 -9.41 37.93
N ARG B 5 22.39 -8.22 38.52
CA ARG B 5 21.35 -7.27 38.15
C ARG B 5 21.48 -6.84 36.68
N GLU B 6 22.68 -6.46 36.24
CA GLU B 6 22.94 -6.22 34.80
C GLU B 6 22.58 -7.41 33.92
N ALA B 7 22.91 -8.63 34.35
CA ALA B 7 22.61 -9.78 33.48
C ALA B 7 21.10 -9.97 33.33
N ALA B 8 20.34 -9.60 34.37
CA ALA B 8 18.88 -9.78 34.36
C ALA B 8 18.21 -8.86 33.33
N LEU B 9 18.77 -7.67 33.14
CA LEU B 9 18.27 -6.73 32.11
C LEU B 9 18.77 -7.02 30.69
N GLU B 10 19.70 -7.95 30.52
CA GLU B 10 20.38 -8.06 29.25
C GLU B 10 19.39 -8.44 28.17
N ARG B 11 18.57 -9.44 28.43
CA ARG B 11 17.59 -9.89 27.44
C ARG B 11 16.59 -8.78 27.00
N PRO B 12 15.92 -8.10 27.95
CA PRO B 12 15.05 -7.00 27.51
C PRO B 12 15.79 -5.86 26.79
N ARG B 13 16.98 -5.50 27.27
CA ARG B 13 17.79 -4.48 26.61
C ARG B 13 18.12 -4.86 25.16
N ARG B 14 18.50 -6.11 24.95
CA ARG B 14 18.84 -6.59 23.61
C ARG B 14 17.63 -6.59 22.68
N THR B 15 16.51 -7.07 23.20
CA THR B 15 15.29 -7.11 22.39
C THR B 15 14.87 -5.70 21.90
N LYS B 16 14.98 -4.72 22.78
CA LYS B 16 14.72 -3.35 22.43
C LYS B 16 15.73 -2.80 21.41
N ARG B 17 17.01 -3.08 21.62
CA ARG B 17 18.05 -2.75 20.63
C ARG B 17 17.65 -3.27 19.26
N GLU B 18 17.16 -4.50 19.21
CA GLU B 18 16.82 -5.13 17.95
C GLU B 18 15.53 -4.58 17.34
N ARG B 19 14.56 -4.24 18.17
N ARG B 19 14.54 -4.30 18.19
CA ARG B 19 13.34 -3.62 17.65
CA ARG B 19 13.31 -3.59 17.81
C ARG B 19 13.63 -2.19 17.19
C ARG B 19 13.68 -2.24 17.18
N ASP B 20 14.49 -1.47 17.90
CA ASP B 20 14.87 -0.12 17.48
C ASP B 20 15.50 -0.13 16.09
N GLN B 21 16.36 -1.12 15.88
CA GLN B 21 17.11 -1.21 14.65
C GLN B 21 16.17 -1.44 13.47
N LEU B 22 15.15 -2.26 13.68
CA LEU B 22 14.18 -2.51 12.60
C LEU B 22 13.31 -1.28 12.35
N TYR B 23 13.03 -0.51 13.40
CA TYR B 23 12.32 0.77 13.25
C TYR B 23 13.15 1.76 12.42
N TYR B 24 14.42 1.95 12.77
CA TYR B 24 15.30 2.86 12.02
C TYR B 24 15.43 2.45 10.56
N GLU B 25 15.49 1.14 10.34
CA GLU B 25 15.57 0.62 8.99
C GLU B 25 14.41 1.06 8.10
N CYS B 26 13.26 1.37 8.68
CA CYS B 26 12.13 1.92 7.90
C CYS B 26 12.46 3.26 7.28
N TYR B 27 13.52 3.91 7.72
CA TYR B 27 13.94 5.17 7.16
C TYR B 27 15.22 5.12 6.28
N SER B 28 15.67 3.91 5.94
CA SER B 28 16.85 3.74 5.09
C SER B 28 16.56 3.92 3.59
N ASP B 29 15.31 3.79 3.19
CA ASP B 29 14.90 3.84 1.78
C ASP B 29 14.42 5.25 1.39
N VAL B 30 14.46 5.54 0.10
CA VAL B 30 14.16 6.89 -0.39
C VAL B 30 12.68 7.28 -0.25
N SER B 31 11.75 6.32 -0.34
CA SER B 31 10.33 6.68 -0.50
C SER B 31 9.74 7.49 0.67
N VAL B 32 10.04 7.10 1.89
CA VAL B 32 9.50 7.83 3.04
C VAL B 32 9.99 9.29 3.10
N HIS B 33 11.24 9.51 2.69
CA HIS B 33 11.80 10.86 2.68
C HIS B 33 11.25 11.69 1.54
N GLU B 34 11.05 11.06 0.40
CA GLU B 34 10.40 11.71 -0.73
C GLU B 34 9.01 12.16 -0.32
N GLU B 35 8.30 11.28 0.35
CA GLU B 35 6.95 11.60 0.79
C GLU B 35 6.95 12.75 1.81
N MET B 36 7.87 12.71 2.77
CA MET B 36 7.96 13.76 3.78
C MET B 36 8.29 15.13 3.17
N ILE B 37 9.25 15.14 2.25
CA ILE B 37 9.71 16.38 1.64
C ILE B 37 8.73 16.87 0.58
N ALA B 38 8.02 15.95 -0.10
CA ALA B 38 6.95 16.37 -1.01
C ALA B 38 5.78 16.98 -0.26
N ASP B 39 5.66 16.67 1.03
CA ASP B 39 4.66 17.29 1.87
C ASP B 39 5.07 18.76 2.18
N ARG B 40 4.55 19.69 1.36
CA ARG B 40 4.91 21.08 1.48
C ARG B 40 4.38 21.74 2.73
N VAL B 41 3.17 21.37 3.15
CA VAL B 41 2.63 21.92 4.38
C VAL B 41 3.57 21.57 5.54
N ARG B 42 3.95 20.30 5.66
CA ARG B 42 4.92 19.87 6.69
C ARG B 42 6.23 20.64 6.59
N THR B 43 6.81 20.59 5.40
CA THR B 43 8.17 20.99 5.22
C THR B 43 8.29 22.51 5.26
N ASP B 44 7.31 23.22 4.72
CA ASP B 44 7.33 24.67 4.80
C ASP B 44 6.98 25.19 6.18
N ALA B 45 6.20 24.43 6.94
CA ALA B 45 5.91 24.83 8.31
C ALA B 45 7.20 24.81 9.11
N TYR B 46 7.99 23.75 8.95
CA TYR B 46 9.30 23.70 9.60
C TYR B 46 10.23 24.80 9.10
N ARG B 47 10.27 25.00 7.78
CA ARG B 47 11.15 26.00 7.21
C ARG B 47 10.81 27.37 7.79
N LEU B 48 9.54 27.76 7.73
CA LEU B 48 9.10 29.03 8.25
C LEU B 48 9.16 29.12 9.77
N GLY B 49 8.86 28.01 10.45
CA GLY B 49 8.94 27.99 11.91
C GLY B 49 10.36 28.21 12.39
N ILE B 50 11.30 27.59 11.69
CA ILE B 50 12.71 27.82 11.96
C ILE B 50 13.07 29.27 11.63
N LEU B 51 12.77 29.70 10.42
CA LEU B 51 13.15 31.06 9.96
C LEU B 51 12.60 32.13 10.89
N ARG B 52 11.39 31.93 11.38
CA ARG B 52 10.77 32.89 12.27
C ARG B 52 11.56 33.10 13.59
N ASN B 53 12.36 32.10 13.96
CA ASN B 53 13.17 32.17 15.16
C ASN B 53 14.63 32.51 14.83
N TRP B 54 14.89 33.12 13.66
CA TRP B 54 16.26 33.42 13.20
C TRP B 54 17.06 34.25 14.20
N ALA B 55 16.39 35.19 14.85
CA ALA B 55 17.09 36.08 15.79
C ALA B 55 17.57 35.30 17.01
N ALA B 56 16.77 34.34 17.46
CA ALA B 56 17.18 33.47 18.56
C ALA B 56 18.16 32.37 18.14
N LEU B 57 18.25 32.06 16.84
CA LEU B 57 19.14 30.98 16.32
C LEU B 57 20.47 31.49 15.78
N ARG B 58 20.51 32.76 15.38
CA ARG B 58 21.73 33.33 14.79
C ARG B 58 22.91 33.16 15.74
N GLY B 59 23.95 32.50 15.26
CA GLY B 59 25.16 32.31 16.04
C GLY B 59 25.05 31.24 17.12
N LYS B 60 23.93 30.51 17.17
CA LYS B 60 23.67 29.52 18.21
C LYS B 60 23.85 28.08 17.69
N THR B 61 23.74 27.12 18.62
CA THR B 61 23.93 25.70 18.30
C THR B 61 22.60 24.97 18.39
N VAL B 62 22.40 24.03 17.47
CA VAL B 62 21.12 23.33 17.31
C VAL B 62 21.37 21.83 17.25
N LEU B 63 20.48 21.07 17.89
CA LEU B 63 20.41 19.62 17.69
C LEU B 63 19.13 19.29 16.90
N ASP B 64 19.32 18.61 15.77
CA ASP B 64 18.26 18.08 14.93
C ASP B 64 18.12 16.59 15.30
N VAL B 65 17.04 16.26 16.01
CA VAL B 65 16.81 14.87 16.44
C VAL B 65 16.09 14.10 15.34
N GLY B 66 16.82 13.20 14.70
CA GLY B 66 16.26 12.42 13.60
C GLY B 66 16.33 13.24 12.31
N ALA B 67 17.54 13.56 11.90
CA ALA B 67 17.76 14.53 10.83
C ALA B 67 17.42 14.03 9.42
N GLY B 68 17.28 12.71 9.25
CA GLY B 68 16.91 12.10 7.97
C GLY B 68 17.88 12.47 6.86
N THR B 69 17.35 13.07 5.81
CA THR B 69 18.18 13.54 4.71
C THR B 69 18.92 14.85 5.03
N GLY B 70 18.66 15.44 6.19
CA GLY B 70 19.40 16.62 6.64
C GLY B 70 18.69 17.94 6.43
N ILE B 71 17.51 17.90 5.84
CA ILE B 71 16.86 19.12 5.38
C ILE B 71 16.55 20.16 6.46
N LEU B 72 16.08 19.71 7.63
CA LEU B 72 15.74 20.64 8.74
C LEU B 72 17.00 21.25 9.35
N SER B 73 18.07 20.46 9.42
CA SER B 73 19.35 20.95 9.87
C SER B 73 19.89 22.05 8.95
N ILE B 74 19.74 21.85 7.64
CA ILE B 74 20.15 22.86 6.68
C ILE B 74 19.30 24.12 6.80
N PHE B 75 17.99 23.99 7.01
CA PHE B 75 17.17 25.16 7.32
C PHE B 75 17.73 25.96 8.50
N CYS B 76 18.14 25.25 9.56
CA CYS B 76 18.66 25.91 10.76
C CYS B 76 19.96 26.69 10.46
N ALA B 77 20.86 26.07 9.70
CA ALA B 77 22.08 26.75 9.24
C ALA B 77 21.74 27.95 8.37
N GLN B 78 20.75 27.78 7.50
CA GLN B 78 20.30 28.90 6.66
C GLN B 78 19.71 30.05 7.50
N ALA B 79 19.12 29.72 8.65
CA ALA B 79 18.63 30.72 9.58
C ALA B 79 19.75 31.38 10.40
N GLY B 80 21.00 30.96 10.21
CA GLY B 80 22.14 31.58 10.86
C GLY B 80 22.73 30.85 12.05
N ALA B 81 22.29 29.61 12.30
CA ALA B 81 22.89 28.82 13.38
C ALA B 81 24.35 28.59 13.07
N ARG B 82 25.18 28.67 14.10
CA ARG B 82 26.62 28.54 13.94
C ARG B 82 26.98 27.09 13.73
N ARG B 83 26.27 26.22 14.42
CA ARG B 83 26.57 24.81 14.41
C ARG B 83 25.29 24.00 14.64
N VAL B 84 25.09 22.98 13.81
CA VAL B 84 23.95 22.09 13.92
C VAL B 84 24.44 20.64 13.97
N TYR B 85 24.03 19.94 15.02
CA TYR B 85 24.28 18.50 15.12
C TYR B 85 23.07 17.74 14.60
N ALA B 86 23.25 17.08 13.45
CA ALA B 86 22.18 16.35 12.76
C ALA B 86 22.32 14.87 13.11
N VAL B 87 21.57 14.45 14.12
CA VAL B 87 21.71 13.11 14.65
C VAL B 87 20.67 12.20 13.96
N GLU B 88 21.12 11.08 13.42
CA GLU B 88 20.25 10.19 12.64
C GLU B 88 20.67 8.74 12.81
N ALA B 89 19.73 7.93 13.27
CA ALA B 89 20.01 6.53 13.61
C ALA B 89 19.89 5.57 12.43
N SER B 90 19.21 5.97 11.39
CA SER B 90 19.02 5.12 10.22
C SER B 90 20.18 5.31 9.25
N ALA B 91 20.36 4.36 8.35
CA ALA B 91 21.47 4.43 7.38
C ALA B 91 21.38 5.65 6.49
N ILE B 92 20.20 6.30 6.44
CA ILE B 92 20.02 7.55 5.69
C ILE B 92 20.97 8.67 6.14
N TRP B 93 21.57 8.53 7.31
CA TRP B 93 22.58 9.49 7.73
C TRP B 93 23.68 9.72 6.68
N GLN B 94 23.99 8.70 5.88
CA GLN B 94 25.01 8.84 4.84
C GLN B 94 24.58 9.81 3.76
N GLN B 95 23.31 9.72 3.39
CA GLN B 95 22.77 10.64 2.42
C GLN B 95 22.70 12.05 2.98
N ALA B 96 22.42 12.19 4.27
CA ALA B 96 22.41 13.52 4.88
C ALA B 96 23.78 14.13 4.83
N ARG B 97 24.81 13.36 5.18
N ARG B 97 24.79 13.32 5.17
CA ARG B 97 26.17 13.87 5.12
CA ARG B 97 26.19 13.70 5.09
C ARG B 97 26.53 14.30 3.69
C ARG B 97 26.51 14.26 3.71
N GLU B 98 26.10 13.54 2.68
CA GLU B 98 26.32 13.95 1.28
C GLU B 98 25.59 15.24 0.91
N VAL B 99 24.33 15.37 1.33
CA VAL B 99 23.57 16.58 1.05
C VAL B 99 24.25 17.80 1.69
N VAL B 100 24.64 17.65 2.96
CA VAL B 100 25.33 18.72 3.67
C VAL B 100 26.60 19.16 2.91
N ARG B 101 27.44 18.21 2.53
CA ARG B 101 28.65 18.53 1.76
C ARG B 101 28.34 19.20 0.43
N PHE B 102 27.33 18.68 -0.27
CA PHE B 102 26.94 19.18 -1.58
C PHE B 102 26.46 20.61 -1.51
N ASN B 103 25.90 21.02 -0.37
CA ASN B 103 25.51 22.40 -0.19
C ASN B 103 26.61 23.26 0.48
N GLY B 104 27.82 22.73 0.57
CA GLY B 104 28.92 23.46 1.18
C GLY B 104 28.74 23.80 2.65
N LEU B 105 28.00 22.97 3.39
CA LEU B 105 27.69 23.29 4.78
C LEU B 105 28.36 22.37 5.81
N GLU B 106 29.37 21.63 5.38
CA GLU B 106 30.06 20.67 6.24
C GLU B 106 30.69 21.31 7.50
N ASP B 107 30.97 22.60 7.45
CA ASP B 107 31.42 23.33 8.64
C ASP B 107 30.33 23.74 9.60
N ARG B 108 29.11 23.87 9.10
CA ARG B 108 28.02 24.36 9.91
C ARG B 108 27.21 23.19 10.46
N VAL B 109 26.96 22.18 9.62
CA VAL B 109 26.18 21.00 10.00
C VAL B 109 27.06 19.76 10.11
N HIS B 110 27.05 19.13 11.28
CA HIS B 110 27.77 17.89 11.49
C HIS B 110 26.78 16.75 11.63
N VAL B 111 26.86 15.77 10.74
CA VAL B 111 25.94 14.65 10.78
C VAL B 111 26.55 13.59 11.66
N LEU B 112 25.82 13.18 12.69
CA LEU B 112 26.27 12.17 13.65
C LEU B 112 25.36 10.93 13.56
N PRO B 113 25.92 9.77 13.21
CA PRO B 113 25.10 8.57 13.11
C PRO B 113 24.75 7.99 14.46
N GLY B 114 23.65 7.25 14.51
CA GLY B 114 23.27 6.53 15.72
C GLY B 114 22.10 7.16 16.48
N PRO B 115 21.59 6.45 17.49
CA PRO B 115 20.47 6.95 18.26
C PRO B 115 20.84 8.20 19.05
N VAL B 116 19.92 9.14 19.14
CA VAL B 116 20.18 10.34 19.89
C VAL B 116 20.36 10.02 21.39
N GLU B 117 19.82 8.88 21.83
CA GLU B 117 19.91 8.50 23.24
C GLU B 117 21.37 8.26 23.67
N THR B 118 22.23 7.86 22.73
CA THR B 118 23.62 7.53 23.04
C THR B 118 24.64 8.36 22.33
N VAL B 119 24.20 9.26 21.45
CA VAL B 119 25.13 10.13 20.77
C VAL B 119 25.94 10.97 21.76
N GLU B 120 27.16 11.30 21.38
CA GLU B 120 27.99 12.16 22.21
C GLU B 120 28.21 13.49 21.52
N LEU B 121 27.61 14.54 22.06
CA LEU B 121 27.77 15.88 21.50
C LEU B 121 28.93 16.55 22.24
N PRO B 122 29.60 17.50 21.58
CA PRO B 122 30.70 18.22 22.26
C PRO B 122 30.21 19.22 23.30
N GLU B 123 28.93 19.50 23.33
CA GLU B 123 28.39 20.60 24.09
C GLU B 123 26.88 20.47 24.19
N GLN B 124 26.32 21.15 25.17
CA GLN B 124 24.89 21.34 25.24
C GLN B 124 24.48 22.30 24.12
N VAL B 125 23.20 22.30 23.78
CA VAL B 125 22.72 23.11 22.65
C VAL B 125 21.70 24.17 23.06
N ASP B 126 21.61 25.20 22.24
CA ASP B 126 20.69 26.31 22.45
C ASP B 126 19.31 26.00 21.95
N ALA B 127 19.18 25.02 21.07
CA ALA B 127 17.90 24.68 20.50
C ALA B 127 17.85 23.26 20.00
N ILE B 128 16.65 22.69 20.04
CA ILE B 128 16.39 21.39 19.45
C ILE B 128 15.29 21.56 18.42
N VAL B 129 15.52 20.97 17.24
CA VAL B 129 14.48 20.85 16.23
C VAL B 129 14.26 19.39 15.95
N SER B 130 13.00 19.01 15.70
CA SER B 130 12.69 17.63 15.38
C SER B 130 11.32 17.51 14.72
N GLU B 131 11.25 16.70 13.67
CA GLU B 131 9.97 16.22 13.18
C GLU B 131 9.85 14.77 13.64
N TRP B 132 9.06 14.60 14.69
CA TRP B 132 8.98 13.36 15.46
C TRP B 132 7.57 12.75 15.42
N MET B 133 6.64 13.39 14.70
CA MET B 133 5.23 13.05 14.75
C MET B 133 4.87 11.90 13.81
N GLY B 134 4.20 10.91 14.36
CA GLY B 134 3.74 9.79 13.58
C GLY B 134 2.27 9.93 13.26
N TYR B 135 1.74 8.96 12.54
CA TYR B 135 0.31 8.90 12.33
C TYR B 135 -0.33 8.91 13.73
N GLY B 136 -1.47 9.56 13.83
CA GLY B 136 -2.14 9.80 15.12
C GLY B 136 -1.23 10.44 16.15
N LEU B 137 -0.29 11.25 15.68
CA LEU B 137 0.76 11.91 16.48
C LEU B 137 1.84 10.99 17.02
N LEU B 138 1.42 9.95 17.73
CA LEU B 138 2.29 9.17 18.56
C LEU B 138 2.72 7.80 18.00
N HIS B 139 2.18 7.39 16.87
CA HIS B 139 2.69 6.17 16.21
C HIS B 139 4.17 6.39 15.98
N GLU B 140 4.96 5.33 16.11
CA GLU B 140 6.44 5.35 16.08
C GLU B 140 7.11 5.60 17.44
N SER B 141 6.39 6.25 18.33
N SER B 141 6.39 6.23 18.36
CA SER B 141 6.87 6.53 19.67
CA SER B 141 6.93 6.50 19.68
C SER B 141 8.19 7.29 19.69
C SER B 141 8.25 7.24 19.65
N MET B 142 8.41 8.18 18.72
CA MET B 142 9.66 8.96 18.65
C MET B 142 9.73 10.09 19.68
N LEU B 143 8.59 10.54 20.18
CA LEU B 143 8.58 11.70 21.08
C LEU B 143 9.51 11.49 22.29
N SER B 144 9.56 10.29 22.86
CA SER B 144 10.42 10.04 24.00
C SER B 144 11.91 10.24 23.70
N SER B 145 12.33 10.02 22.45
CA SER B 145 13.69 10.30 22.01
C SER B 145 14.00 11.81 22.01
N VAL B 146 13.03 12.60 21.60
CA VAL B 146 13.16 14.06 21.61
C VAL B 146 13.27 14.57 23.05
N LEU B 147 12.43 14.04 23.93
CA LEU B 147 12.42 14.48 25.31
C LEU B 147 13.71 14.05 26.01
N HIS B 148 14.20 12.86 25.66
CA HIS B 148 15.47 12.37 26.17
C HIS B 148 16.59 13.32 25.82
N ALA B 149 16.65 13.71 24.54
CA ALA B 149 17.64 14.69 24.07
C ALA B 149 17.52 16.02 24.75
N ARG B 150 16.28 16.47 24.94
CA ARG B 150 16.05 17.74 25.60
C ARG B 150 16.62 17.73 27.03
N THR B 151 16.25 16.69 27.79
CA THR B 151 16.67 16.57 29.19
C THR B 151 18.20 16.49 29.31
N LYS B 152 18.83 15.73 28.41
CA LYS B 152 20.28 15.53 28.43
C LYS B 152 21.11 16.70 27.88
N TRP B 153 20.62 17.38 26.85
CA TRP B 153 21.46 18.26 26.02
C TRP B 153 21.00 19.70 25.86
N LEU B 154 19.71 19.99 26.02
CA LEU B 154 19.24 21.35 25.81
C LEU B 154 19.65 22.22 27.00
N LYS B 155 20.26 23.36 26.71
CA LYS B 155 20.60 24.32 27.75
C LYS B 155 19.36 24.80 28.43
N GLU B 156 19.50 25.21 29.69
CA GLU B 156 18.41 25.81 30.43
C GLU B 156 17.91 27.01 29.64
N GLY B 157 16.59 27.11 29.50
CA GLY B 157 15.97 28.16 28.73
C GLY B 157 16.06 27.99 27.22
N GLY B 158 16.55 26.82 26.75
CA GLY B 158 16.71 26.59 25.33
C GLY B 158 15.41 26.48 24.55
N LEU B 159 15.52 26.60 23.23
CA LEU B 159 14.36 26.59 22.36
C LEU B 159 14.00 25.17 21.86
N LEU B 160 12.70 24.89 21.75
CA LEU B 160 12.17 23.65 21.19
C LEU B 160 11.27 23.90 20.00
N LEU B 161 11.56 23.27 18.87
CA LEU B 161 10.81 23.48 17.65
C LEU B 161 10.32 22.14 17.09
N PRO B 162 9.00 21.91 17.03
CA PRO B 162 7.96 22.72 17.66
C PRO B 162 7.96 22.54 19.18
N ALA B 163 7.15 23.33 19.86
CA ALA B 163 7.16 23.44 21.33
C ALA B 163 6.06 22.63 22.01
N SER B 164 4.97 22.42 21.28
CA SER B 164 3.80 21.73 21.83
C SER B 164 3.00 21.03 20.74
N ALA B 165 2.13 20.13 21.21
CA ALA B 165 1.22 19.40 20.33
C ALA B 165 -0.18 19.34 20.91
N GLU B 166 -1.18 19.24 20.03
CA GLU B 166 -2.55 19.03 20.46
C GLU B 166 -3.20 17.95 19.62
N LEU B 167 -4.04 17.16 20.27
CA LEU B 167 -4.83 16.13 19.63
C LEU B 167 -6.34 16.43 19.61
N PHE B 168 -6.99 16.09 18.50
CA PHE B 168 -8.40 16.36 18.27
C PHE B 168 -9.13 15.11 17.79
N ILE B 169 -10.41 15.05 18.10
CA ILE B 169 -11.27 13.95 17.66
C ILE B 169 -12.60 14.52 17.17
N ALA B 170 -13.18 13.90 16.15
CA ALA B 170 -14.54 14.23 15.73
C ALA B 170 -15.20 13.01 15.14
N PRO B 171 -16.52 12.92 15.29
CA PRO B 171 -17.24 11.88 14.59
C PRO B 171 -17.21 12.17 13.10
N ILE B 172 -17.14 11.12 12.28
CA ILE B 172 -17.02 11.31 10.86
C ILE B 172 -17.87 10.35 10.02
N SER B 173 -18.10 10.79 8.78
CA SER B 173 -18.66 9.98 7.73
C SER B 173 -17.63 9.88 6.58
N ASP B 174 -17.06 8.70 6.38
CA ASP B 174 -16.09 8.39 5.31
C ASP B 174 -16.76 8.00 3.99
N GLN B 175 -16.74 8.95 3.05
CA GLN B 175 -17.46 8.78 1.79
C GLN B 175 -16.90 7.61 0.98
N MET B 176 -15.59 7.43 1.01
CA MET B 176 -15.00 6.31 0.27
C MET B 176 -15.49 5.00 0.86
N LEU B 177 -15.53 4.92 2.18
CA LEU B 177 -16.02 3.71 2.84
C LEU B 177 -17.47 3.46 2.48
N GLU B 178 -18.28 4.53 2.51
CA GLU B 178 -19.67 4.41 2.17
C GLU B 178 -19.87 3.84 0.76
N TRP B 179 -19.11 4.33 -0.21
CA TRP B 179 -19.13 3.77 -1.56
C TRP B 179 -18.75 2.29 -1.59
N ARG B 180 -17.75 1.89 -0.82
CA ARG B 180 -17.32 0.50 -0.83
C ARG B 180 -18.39 -0.42 -0.24
N LEU B 181 -19.06 0.02 0.83
CA LEU B 181 -20.16 -0.75 1.41
C LEU B 181 -21.37 -0.87 0.47
N GLY B 182 -21.68 0.20 -0.24
CA GLY B 182 -22.82 0.26 -1.15
C GLY B 182 -22.56 -0.39 -2.49
N PHE B 183 -21.30 -0.71 -2.78
CA PHE B 183 -20.90 -1.31 -4.04
C PHE B 183 -21.71 -2.54 -4.38
N TRP B 184 -21.94 -3.39 -3.40
CA TRP B 184 -22.55 -4.69 -3.64
C TRP B 184 -24.01 -4.57 -4.12
N SER B 185 -24.68 -3.50 -3.71
CA SER B 185 -26.05 -3.25 -4.15
CA SER B 185 -26.05 -3.27 -4.14
C SER B 185 -26.11 -2.62 -5.53
N GLN B 186 -24.97 -2.23 -6.09
CA GLN B 186 -24.91 -1.71 -7.45
C GLN B 186 -24.54 -2.76 -8.48
N VAL B 187 -24.15 -3.96 -8.06
CA VAL B 187 -23.70 -4.99 -9.00
C VAL B 187 -24.84 -5.37 -9.95
N LYS B 188 -26.06 -5.45 -9.43
CA LYS B 188 -27.20 -5.81 -10.29
C LYS B 188 -27.34 -4.89 -11.50
N GLN B 189 -27.25 -3.59 -11.29
CA GLN B 189 -27.37 -2.69 -12.43
C GLN B 189 -26.20 -2.81 -13.40
N HIS B 190 -24.99 -3.06 -12.90
CA HIS B 190 -23.80 -3.18 -13.75
C HIS B 190 -23.77 -4.51 -14.54
N TYR B 191 -24.11 -5.60 -13.86
CA TYR B 191 -23.91 -6.93 -14.41
C TYR B 191 -25.11 -7.87 -14.44
N GLY B 192 -26.24 -7.47 -13.89
CA GLY B 192 -27.42 -8.33 -13.85
C GLY B 192 -27.39 -9.45 -12.81
N VAL B 193 -26.54 -9.32 -11.79
CA VAL B 193 -26.50 -10.26 -10.67
C VAL B 193 -26.70 -9.48 -9.37
N ASP B 194 -27.66 -9.88 -8.56
CA ASP B 194 -27.96 -9.18 -7.30
C ASP B 194 -27.03 -9.68 -6.20
N MET B 195 -26.12 -8.81 -5.76
CA MET B 195 -25.19 -9.16 -4.70
C MET B 195 -25.38 -8.25 -3.49
N SER B 196 -26.57 -7.68 -3.34
CA SER B 196 -26.84 -6.77 -2.25
C SER B 196 -26.79 -7.52 -0.91
N CYS B 197 -27.02 -8.82 -0.93
CA CYS B 197 -26.88 -9.64 0.27
C CYS B 197 -25.47 -9.68 0.86
N LEU B 198 -24.46 -9.16 0.16
CA LEU B 198 -23.08 -9.13 0.71
C LEU B 198 -22.69 -7.85 1.47
N GLU B 199 -23.61 -6.91 1.62
CA GLU B 199 -23.34 -5.70 2.37
C GLU B 199 -22.94 -5.97 3.81
N GLY B 200 -23.63 -6.92 4.47
CA GLY B 200 -23.25 -7.35 5.82
C GLY B 200 -21.80 -7.84 5.90
N PHE B 201 -21.45 -8.72 4.97
CA PHE B 201 -20.09 -9.28 4.86
C PHE B 201 -19.07 -8.19 4.63
N ALA B 202 -19.35 -7.29 3.69
CA ALA B 202 -18.47 -6.19 3.43
C ALA B 202 -18.28 -5.35 4.65
N THR B 203 -19.38 -5.08 5.35
CA THR B 203 -19.31 -4.30 6.59
C THR B 203 -18.40 -4.96 7.62
N ARG B 204 -18.58 -6.26 7.86
CA ARG B 204 -17.73 -6.99 8.81
C ARG B 204 -16.27 -6.90 8.46
N CYS B 205 -15.95 -7.07 7.16
CA CYS B 205 -14.58 -7.01 6.72
C CYS B 205 -13.99 -5.61 6.87
N LEU B 206 -14.75 -4.59 6.47
CA LEU B 206 -14.20 -3.25 6.35
C LEU B 206 -14.32 -2.38 7.59
N MET B 207 -15.23 -2.74 8.49
CA MET B 207 -15.46 -1.96 9.72
C MET B 207 -15.28 -2.77 10.99
N GLY B 208 -15.49 -4.08 10.90
CA GLY B 208 -15.45 -4.95 12.06
C GLY B 208 -14.07 -5.30 12.59
N HIS B 209 -13.02 -4.94 11.85
CA HIS B 209 -11.65 -5.11 12.30
C HIS B 209 -11.33 -4.05 13.35
N SER B 210 -10.16 -4.19 13.96
CA SER B 210 -9.68 -3.29 15.02
C SER B 210 -8.36 -2.60 14.65
N GLU B 211 -8.20 -2.24 13.39
CA GLU B 211 -7.03 -1.52 12.93
C GLU B 211 -7.34 -0.06 12.79
N ILE B 212 -6.35 0.76 13.12
CA ILE B 212 -6.43 2.18 12.85
C ILE B 212 -6.10 2.35 11.35
N VAL B 213 -6.97 3.07 10.63
CA VAL B 213 -6.81 3.29 9.21
C VAL B 213 -6.38 4.72 8.90
N VAL B 214 -5.29 4.87 8.14
CA VAL B 214 -4.82 6.20 7.78
C VAL B 214 -5.50 6.56 6.49
N GLN B 215 -6.32 7.60 6.56
CA GLN B 215 -7.17 7.97 5.44
C GLN B 215 -7.41 9.48 5.49
N GLY B 216 -7.36 10.14 4.35
CA GLY B 216 -7.58 11.57 4.28
C GLY B 216 -9.04 11.93 4.12
N LEU B 217 -9.56 12.80 4.98
CA LEU B 217 -10.95 13.27 4.85
C LEU B 217 -10.99 14.76 4.49
N SER B 218 -12.18 15.24 4.15
CA SER B 218 -12.37 16.69 3.99
C SER B 218 -13.35 17.20 5.03
N GLY B 219 -13.47 18.52 5.08
CA GLY B 219 -14.29 19.21 6.05
C GLY B 219 -15.71 18.74 6.12
N GLU B 220 -16.31 18.46 4.98
CA GLU B 220 -17.71 18.05 4.98
C GLU B 220 -17.91 16.64 5.56
N ASP B 221 -16.83 15.90 5.78
CA ASP B 221 -16.94 14.57 6.40
C ASP B 221 -17.06 14.61 7.91
N VAL B 222 -16.88 15.79 8.48
CA VAL B 222 -16.86 15.95 9.90
C VAL B 222 -18.28 16.24 10.36
N LEU B 223 -18.75 15.42 11.29
CA LEU B 223 -20.16 15.41 11.68
C LEU B 223 -20.48 16.24 12.91
N ALA B 224 -19.47 16.76 13.58
CA ALA B 224 -19.67 17.64 14.73
C ALA B 224 -18.42 18.45 14.97
N ARG B 225 -18.53 19.47 15.80
CA ARG B 225 -17.41 20.30 16.12
C ARG B 225 -16.26 19.45 16.67
N PRO B 226 -15.06 19.58 16.09
CA PRO B 226 -13.92 18.82 16.64
C PRO B 226 -13.58 19.20 18.06
N GLN B 227 -13.16 18.21 18.84
CA GLN B 227 -12.91 18.41 20.24
C GLN B 227 -11.46 18.12 20.52
N ARG B 228 -10.78 19.04 21.19
CA ARG B 228 -9.44 18.73 21.68
C ARG B 228 -9.57 17.75 22.84
N PHE B 229 -8.77 16.68 22.81
CA PHE B 229 -8.75 15.73 23.89
C PHE B 229 -7.41 15.62 24.63
N ALA B 230 -6.34 16.23 24.09
CA ALA B 230 -5.02 16.28 24.75
C ALA B 230 -4.21 17.48 24.26
N GLN B 231 -3.39 18.01 25.17
CA GLN B 231 -2.40 19.05 24.89
C GLN B 231 -1.07 18.58 25.48
N LEU B 232 -0.02 18.55 24.68
CA LEU B 232 1.32 18.14 25.15
C LEU B 232 2.24 19.36 25.11
N GLU B 233 2.63 19.86 26.28
CA GLU B 233 3.65 20.91 26.35
C GLU B 233 4.98 20.21 26.48
N LEU B 234 5.83 20.29 25.47
CA LEU B 234 7.07 19.45 25.43
C LEU B 234 8.09 19.75 26.53
N SER B 235 8.07 20.96 27.06
CA SER B 235 8.97 21.28 28.18
C SER B 235 8.52 20.69 29.53
N ARG B 236 7.33 20.11 29.59
CA ARG B 236 6.73 19.70 30.87
C ARG B 236 7.45 18.51 31.51
N ALA B 237 7.75 18.64 32.81
CA ALA B 237 8.59 17.67 33.50
C ALA B 237 7.83 16.37 33.64
N GLY B 238 8.50 15.26 33.40
CA GLY B 238 7.84 13.97 33.53
C GLY B 238 6.88 13.61 32.39
N LEU B 239 6.81 14.44 31.34
CA LEU B 239 6.01 14.11 30.16
C LEU B 239 6.44 12.73 29.62
N GLU B 240 7.73 12.42 29.70
CA GLU B 240 8.25 11.11 29.31
C GLU B 240 7.40 9.96 29.90
N GLN B 241 7.12 9.97 31.21
CA GLN B 241 6.42 8.84 31.85
C GLN B 241 4.94 8.79 31.52
N GLU B 242 4.35 9.96 31.30
CA GLU B 242 2.95 10.05 30.95
C GLU B 242 2.67 9.33 29.64
N LEU B 243 3.60 9.40 28.69
CA LEU B 243 3.47 8.75 27.39
C LEU B 243 3.26 7.26 27.51
N GLN B 244 3.99 6.66 28.45
CA GLN B 244 3.91 5.23 28.75
C GLN B 244 2.55 4.87 29.38
N ALA B 245 2.02 5.72 30.26
CA ALA B 245 0.70 5.51 30.88
C ALA B 245 -0.50 5.76 29.94
N GLY B 246 -0.29 6.55 28.89
CA GLY B 246 -1.36 6.89 27.98
C GLY B 246 -1.60 8.37 27.86
N VAL B 247 -1.87 8.82 26.64
CA VAL B 247 -2.22 10.21 26.37
C VAL B 247 -3.68 10.22 25.92
N GLY B 248 -4.51 11.05 26.53
CA GLY B 248 -5.89 11.20 26.08
C GLY B 248 -6.78 11.94 27.04
N GLY B 249 -8.09 11.75 26.87
CA GLY B 249 -9.09 12.46 27.64
C GLY B 249 -10.50 12.16 27.16
N ARG B 250 -11.46 12.85 27.73
CA ARG B 250 -12.86 12.60 27.45
C ARG B 250 -13.30 13.62 26.46
N PHE B 251 -14.39 13.34 25.76
CA PHE B 251 -14.95 14.23 24.79
C PHE B 251 -16.47 14.14 24.78
N ARG B 252 -17.08 15.21 24.32
CA ARG B 252 -18.51 15.26 24.06
C ARG B 252 -18.77 16.30 23.01
N CYS B 253 -19.69 15.99 22.10
CA CYS B 253 -20.04 16.89 21.03
C CYS B 253 -21.43 16.55 20.55
N SER B 254 -21.95 17.41 19.68
CA SER B 254 -23.28 17.24 19.19
C SER B 254 -23.29 17.35 17.66
N CYS B 255 -23.95 16.41 17.00
CA CYS B 255 -23.86 16.32 15.55
C CYS B 255 -24.59 17.46 14.81
N TYR B 256 -24.06 17.81 13.65
CA TYR B 256 -24.58 18.91 12.84
C TYR B 256 -25.90 18.58 12.13
N GLY B 257 -26.08 17.32 11.74
CA GLY B 257 -27.21 16.95 10.91
C GLY B 257 -27.22 15.47 10.58
N SER B 258 -28.08 15.12 9.63
CA SER B 258 -28.27 13.74 9.24
C SER B 258 -27.10 13.21 8.45
N ALA B 259 -26.62 12.03 8.81
CA ALA B 259 -25.46 11.43 8.16
C ALA B 259 -25.24 10.02 8.68
N PRO B 260 -24.67 9.15 7.83
CA PRO B 260 -24.23 7.85 8.31
C PRO B 260 -22.86 8.03 8.94
N MET B 261 -22.78 7.84 10.25
CA MET B 261 -21.52 7.93 10.98
C MET B 261 -20.78 6.59 10.90
N HIS B 262 -19.52 6.65 10.51
CA HIS B 262 -18.69 5.43 10.40
C HIS B 262 -17.72 5.24 11.54
N GLY B 263 -17.50 6.31 12.32
CA GLY B 263 -16.54 6.27 13.41
C GLY B 263 -16.00 7.65 13.73
N PHE B 264 -14.74 7.67 14.14
CA PHE B 264 -14.07 8.90 14.51
C PHE B 264 -12.81 9.07 13.72
N ALA B 265 -12.41 10.33 13.53
CA ALA B 265 -11.09 10.67 13.06
C ALA B 265 -10.35 11.37 14.18
N ILE B 266 -9.07 11.04 14.33
CA ILE B 266 -8.16 11.84 15.14
C ILE B 266 -7.05 12.47 14.30
N TRP B 267 -6.59 13.61 14.79
CA TRP B 267 -5.55 14.38 14.12
C TRP B 267 -4.90 15.28 15.13
N PHE B 268 -3.89 15.98 14.69
CA PHE B 268 -3.06 16.76 15.56
C PHE B 268 -2.59 18.03 14.90
N GLN B 269 -2.08 18.92 15.74
CA GLN B 269 -1.30 20.02 15.27
C GLN B 269 -0.12 20.21 16.18
N VAL B 270 0.90 20.85 15.68
CA VAL B 270 2.04 21.25 16.50
C VAL B 270 2.27 22.73 16.30
N THR B 271 2.84 23.39 17.30
CA THR B 271 2.99 24.82 17.31
C THR B 271 4.47 25.18 17.50
N PHE B 272 4.95 26.05 16.62
CA PHE B 272 6.28 26.64 16.70
C PHE B 272 6.17 27.99 17.41
N PRO B 273 6.99 28.23 18.45
CA PRO B 273 7.00 29.58 19.06
C PRO B 273 7.23 30.70 18.04
N GLY B 274 6.72 31.87 18.36
CA GLY B 274 6.56 32.94 17.39
C GLY B 274 7.80 33.70 16.99
N GLY B 275 8.82 33.73 17.84
CA GLY B 275 9.95 34.65 17.63
C GLY B 275 9.59 36.08 18.08
N GLU B 276 10.49 37.03 17.83
CA GLU B 276 10.40 38.40 18.38
C GLU B 276 9.07 39.12 18.08
N SER B 277 8.97 39.73 16.90
CA SER B 277 7.72 40.31 16.42
C SER B 277 6.75 39.23 15.98
N GLU B 278 7.31 38.09 15.59
CA GLU B 278 6.59 37.16 14.72
C GLU B 278 5.53 36.35 15.50
N LYS B 279 4.59 35.76 14.76
CA LYS B 279 3.44 35.05 15.34
C LYS B 279 3.69 33.52 15.40
N PRO B 280 3.09 32.84 16.40
CA PRO B 280 3.22 31.38 16.50
C PRO B 280 2.68 30.65 15.25
N LEU B 281 3.48 29.73 14.70
CA LEU B 281 3.12 29.04 13.48
C LEU B 281 2.55 27.67 13.85
N VAL B 282 1.34 27.40 13.39
CA VAL B 282 0.67 26.14 13.65
C VAL B 282 0.78 25.21 12.43
N LEU B 283 1.35 24.01 12.61
CA LEU B 283 1.25 22.95 11.60
C LEU B 283 0.10 22.00 11.95
N SER B 284 -0.96 22.02 11.13
CA SER B 284 -2.22 21.31 11.41
C SER B 284 -2.40 20.14 10.44
N THR B 285 -2.98 19.03 10.94
CA THR B 285 -3.33 17.89 10.08
C THR B 285 -4.84 17.67 9.99
N SER B 286 -5.58 18.73 10.27
CA SER B 286 -7.03 18.71 10.25
C SER B 286 -7.59 18.47 8.85
N PRO B 287 -8.72 17.74 8.75
CA PRO B 287 -9.43 17.71 7.47
C PRO B 287 -9.92 19.05 6.95
N PHE B 288 -10.05 20.06 7.81
CA PHE B 288 -10.46 21.39 7.38
C PHE B 288 -9.31 22.17 6.75
N HIS B 289 -8.09 21.65 6.87
CA HIS B 289 -6.89 22.37 6.47
C HIS B 289 -6.21 21.64 5.34
N PRO B 290 -5.27 22.30 4.63
CA PRO B 290 -4.63 21.62 3.50
C PRO B 290 -4.05 20.25 3.89
N ALA B 291 -4.20 19.29 2.99
CA ALA B 291 -3.81 17.92 3.25
C ALA B 291 -2.32 17.80 3.51
N THR B 292 -1.96 16.84 4.36
CA THR B 292 -0.58 16.47 4.66
C THR B 292 -0.44 14.95 4.50
N HIS B 293 0.78 14.43 4.57
CA HIS B 293 0.99 13.00 4.37
C HIS B 293 0.54 12.20 5.60
N TRP B 294 0.27 12.89 6.72
CA TRP B 294 -0.33 12.23 7.87
C TRP B 294 -1.81 11.94 7.69
N LYS B 295 -2.47 12.66 6.77
CA LYS B 295 -3.89 12.48 6.55
C LYS B 295 -4.60 12.61 7.90
N GLN B 296 -5.55 11.72 8.18
CA GLN B 296 -6.07 11.56 9.53
C GLN B 296 -6.05 10.07 9.85
N ALA B 297 -6.21 9.78 11.14
CA ALA B 297 -6.26 8.41 11.62
C ALA B 297 -7.68 8.07 12.00
N LEU B 298 -8.22 7.04 11.33
CA LEU B 298 -9.63 6.70 11.42
C LEU B 298 -9.88 5.50 12.32
N LEU B 299 -10.90 5.66 13.15
CA LEU B 299 -11.34 4.68 14.13
C LEU B 299 -12.77 4.27 13.81
N TYR B 300 -12.93 3.17 13.11
CA TYR B 300 -14.24 2.77 12.61
C TYR B 300 -15.02 2.03 13.69
N LEU B 301 -16.30 2.37 13.79
CA LEU B 301 -17.23 1.54 14.51
C LEU B 301 -17.38 0.22 13.78
N ASN B 302 -17.92 -0.77 14.48
CA ASN B 302 -18.22 -2.07 13.87
C ASN B 302 -19.18 -1.99 12.68
N GLU B 303 -20.08 -1.01 12.69
CA GLU B 303 -20.97 -0.79 11.56
C GLU B 303 -21.45 0.64 11.59
N PRO B 304 -22.06 1.10 10.49
CA PRO B 304 -22.47 2.50 10.51
C PRO B 304 -23.61 2.72 11.47
N VAL B 305 -23.72 3.95 11.93
CA VAL B 305 -24.86 4.36 12.74
C VAL B 305 -25.35 5.66 12.16
N GLN B 306 -26.65 5.76 11.92
CA GLN B 306 -27.24 7.00 11.41
C GLN B 306 -27.30 8.03 12.55
N VAL B 307 -26.86 9.25 12.29
CA VAL B 307 -27.00 10.32 13.28
C VAL B 307 -27.91 11.40 12.71
N GLU B 308 -28.38 12.27 13.58
CA GLU B 308 -29.22 13.39 13.17
C GLU B 308 -28.69 14.64 13.84
N GLN B 309 -29.21 15.79 13.45
CA GLN B 309 -28.91 17.03 14.13
C GLN B 309 -29.08 16.86 15.63
N ASP B 310 -28.07 17.34 16.37
CA ASP B 310 -28.04 17.28 17.84
C ASP B 310 -27.91 15.90 18.45
N THR B 311 -27.61 14.87 17.65
CA THR B 311 -27.29 13.57 18.22
C THR B 311 -26.00 13.75 19.03
N ASP B 312 -26.03 13.25 20.24
CA ASP B 312 -24.98 13.44 21.19
C ASP B 312 -23.96 12.34 21.00
N VAL B 313 -22.69 12.72 20.97
CA VAL B 313 -21.60 11.77 20.82
C VAL B 313 -20.59 12.05 21.91
N SER B 314 -20.31 11.06 22.72
CA SER B 314 -19.36 11.23 23.79
C SER B 314 -18.52 9.99 23.96
N GLY B 315 -17.47 10.12 24.75
CA GLY B 315 -16.57 9.01 24.96
C GLY B 315 -15.26 9.40 25.63
N GLU B 316 -14.35 8.44 25.59
CA GLU B 316 -13.00 8.62 26.11
C GLU B 316 -12.06 7.93 25.15
N ILE B 317 -10.90 8.52 25.00
CA ILE B 317 -9.89 7.97 24.12
C ILE B 317 -8.51 8.06 24.79
N THR B 318 -7.73 7.01 24.59
CA THR B 318 -6.38 6.95 25.12
C THR B 318 -5.46 6.36 24.05
N LEU B 319 -4.33 7.04 23.82
CA LEU B 319 -3.27 6.62 22.92
C LEU B 319 -2.11 6.03 23.72
N LEU B 320 -1.72 4.82 23.33
CA LEU B 320 -0.79 3.99 24.06
C LEU B 320 0.15 3.30 23.12
N PRO B 321 1.33 2.89 23.59
CA PRO B 321 2.10 1.92 22.82
C PRO B 321 1.41 0.55 22.82
N SER B 322 1.47 -0.18 21.72
N SER B 322 1.43 -0.17 21.71
CA SER B 322 0.80 -1.48 21.66
CA SER B 322 0.81 -1.49 21.63
C SER B 322 1.58 -2.51 22.48
C SER B 322 1.57 -2.48 22.50
N ARG B 323 0.89 -3.57 22.85
CA ARG B 323 1.44 -4.58 23.77
C ARG B 323 2.71 -5.25 23.26
N ASP B 324 2.63 -5.82 22.07
CA ASP B 324 3.76 -6.57 21.51
C ASP B 324 4.85 -5.67 20.90
N ASN B 325 4.47 -4.48 20.45
CA ASN B 325 5.38 -3.53 19.82
C ASN B 325 5.17 -2.10 20.31
N PRO B 326 6.11 -1.59 21.13
CA PRO B 326 6.07 -0.24 21.67
C PRO B 326 6.00 0.91 20.64
N ARG B 327 6.50 0.67 19.43
CA ARG B 327 6.45 1.68 18.38
C ARG B 327 5.16 1.69 17.56
N ARG B 328 4.26 0.74 17.83
CA ARG B 328 2.97 0.67 17.20
C ARG B 328 1.90 1.33 18.09
N LEU B 329 1.19 2.30 17.52
CA LEU B 329 0.17 3.02 18.23
C LEU B 329 -1.05 2.15 18.48
N ARG B 330 -1.53 2.22 19.71
CA ARG B 330 -2.75 1.55 20.12
C ARG B 330 -3.69 2.65 20.60
N VAL B 331 -4.97 2.52 20.25
CA VAL B 331 -6.03 3.44 20.73
C VAL B 331 -7.11 2.65 21.46
N LEU B 332 -7.33 3.00 22.72
CA LEU B 332 -8.44 2.48 23.48
C LEU B 332 -9.55 3.51 23.40
N LEU B 333 -10.68 3.13 22.81
CA LEU B 333 -11.82 4.01 22.63
C LEU B 333 -13.04 3.52 23.41
N ARG B 334 -13.62 4.42 24.20
CA ARG B 334 -14.98 4.23 24.71
C ARG B 334 -15.81 5.27 24.04
N TYR B 335 -16.99 4.92 23.58
CA TYR B 335 -17.85 5.90 22.93
C TYR B 335 -19.33 5.57 23.11
N LYS B 336 -20.13 6.62 23.00
CA LYS B 336 -21.57 6.50 23.09
C LYS B 336 -22.18 7.44 22.06
N VAL B 337 -23.02 6.88 21.20
CA VAL B 337 -23.70 7.66 20.16
C VAL B 337 -25.19 7.66 20.40
N GLY B 338 -25.74 8.86 20.63
CA GLY B 338 -27.17 8.98 20.83
C GLY B 338 -27.62 8.15 22.01
N ASP B 339 -28.68 7.39 21.81
CA ASP B 339 -29.23 6.55 22.87
C ASP B 339 -28.77 5.12 22.85
N GLN B 340 -27.81 4.81 21.99
CA GLN B 340 -27.14 3.51 22.04
C GLN B 340 -26.35 3.38 23.34
N GLU B 341 -26.15 2.16 23.82
CA GLU B 341 -25.32 1.95 25.01
C GLU B 341 -23.88 2.33 24.70
N GLU B 342 -23.13 2.66 25.74
CA GLU B 342 -21.70 2.92 25.62
C GLU B 342 -20.98 1.66 25.15
N LYS B 343 -20.04 1.83 24.22
CA LYS B 343 -19.27 0.71 23.67
C LYS B 343 -17.78 0.95 23.73
N THR B 344 -17.03 -0.13 23.54
N THR B 344 -17.02 -0.13 23.56
CA THR B 344 -15.59 -0.11 23.70
CA THR B 344 -15.59 -0.10 23.67
C THR B 344 -14.96 -0.77 22.47
C THR B 344 -14.99 -0.74 22.44
N LYS B 345 -13.88 -0.17 21.96
CA LYS B 345 -13.13 -0.79 20.88
C LYS B 345 -11.68 -0.45 21.04
N ASP B 346 -10.83 -1.45 20.84
CA ASP B 346 -9.40 -1.36 21.06
C ASP B 346 -8.63 -1.55 19.74
N PHE B 347 -8.01 -0.48 19.27
CA PHE B 347 -7.44 -0.45 17.92
C PHE B 347 -5.92 -0.52 17.98
N ALA B 348 -5.30 -1.04 16.92
CA ALA B 348 -3.85 -0.95 16.73
C ALA B 348 -3.56 -0.47 15.30
N MET B 349 -2.48 0.30 15.14
CA MET B 349 -2.19 0.91 13.84
C MET B 349 -2.02 -0.17 12.77
N GLU B 350 -2.68 0.02 11.63
CA GLU B 350 -2.53 -0.92 10.50
C GLU B 350 -1.07 -1.06 10.11
N ASP B 351 -0.72 -2.21 9.53
CA ASP B 351 0.62 -2.46 8.98
C ASP B 351 0.94 -1.54 7.82
N SAH C . -14.44 -16.44 -10.07
CA SAH C . -14.38 -15.23 -9.20
CB SAH C . -13.06 -15.21 -8.40
CG SAH C . -11.77 -15.21 -9.19
SD SAH C . -10.34 -15.14 -8.15
C SAH C . -14.50 -14.01 -10.06
O SAH C . -14.20 -14.10 -11.29
OXT SAH C . -14.82 -12.91 -9.56
C5' SAH C . -9.82 -16.82 -8.01
C4' SAH C . -10.60 -17.66 -7.01
O4' SAH C . -10.11 -19.02 -7.07
C3' SAH C . -10.42 -17.24 -5.55
O3' SAH C . -11.69 -17.02 -4.90
C2' SAH C . -9.60 -18.38 -4.91
O2' SAH C . -9.85 -18.60 -3.53
C1' SAH C . -10.03 -19.55 -5.75
N9 SAH C . -9.09 -20.65 -5.90
C8 SAH C . -7.78 -20.54 -6.15
N7 SAH C . -7.24 -21.77 -6.29
C5 SAH C . -8.23 -22.66 -6.15
C6 SAH C . -8.34 -24.13 -6.19
N6 SAH C . -7.25 -24.86 -6.39
N1 SAH C . -9.56 -24.67 -6.00
C2 SAH C . -10.66 -23.91 -5.77
N3 SAH C . -10.63 -22.57 -5.72
C4 SAH C . -9.46 -21.92 -5.90
C1 49L D . -6.83 -13.26 -9.56
O1 49L D . -0.38 -14.53 -0.66
C2 49L D . -7.24 -11.85 -9.99
N2 49L D . -6.96 -7.70 -6.04
C3 49L D . -5.21 -10.76 -9.16
C4 49L D . -7.22 -10.86 -7.71
C5 49L D . -6.90 -9.66 -6.90
C6 49L D . -7.61 -8.47 -6.91
C7 49L D . -5.81 -9.44 -6.00
C8 49L D . -4.73 -10.34 -5.59
N1 49L D . -6.69 -10.79 -9.10
N 49L D . -7.62 -14.29 -10.23
C 49L D . -7.02 -15.59 -9.98
N3 49L D . -5.87 -8.23 -5.50
C24 49L D . -5.03 -11.61 -5.10
C23 49L D . -3.99 -12.48 -4.71
C11 49L D . -2.67 -12.05 -4.81
C10 49L D . -2.38 -10.80 -5.30
C9 49L D . -3.41 -9.94 -5.67
O 49L D . -1.55 -12.79 -4.50
C12 49L D . -1.68 -14.05 -3.82
C15 49L D . -0.37 -14.70 -3.29
C14 49L D . -0.58 -13.92 -1.98
C13 49L D . -2.08 -13.86 -2.35
C16 49L D . 0.17 -15.84 -0.55
C17 49L D . 1.04 -16.00 0.71
C18 49L D . 1.26 -14.74 1.60
C22 49L D . 1.88 -13.48 0.95
C21 49L D . 3.35 -13.68 0.56
O2 49L D . 4.12 -14.10 1.69
C20 49L D . 3.64 -15.24 2.40
C19 49L D . 2.16 -15.10 2.80
MG MG E . 7.88 16.32 -10.28
C1 GOL F . -15.40 -21.80 5.97
O1 GOL F . -15.23 -22.32 4.67
C2 GOL F . -16.85 -21.88 6.31
O2 GOL F . -17.29 -23.23 6.13
C3 GOL F . -17.07 -21.37 7.74
O3 GOL F . -17.03 -22.44 8.68
C1 GOL G . -27.56 -21.89 4.94
O1 GOL G . -26.72 -21.31 5.93
C2 GOL G . -27.40 -23.40 5.01
O2 GOL G . -26.34 -23.74 4.14
C3 GOL G . -28.64 -24.19 4.58
O3 GOL G . -29.60 -23.43 3.83
N SAH H . 14.09 15.38 9.99
CA SAH H . 13.84 14.69 8.68
CB SAH H . 13.29 13.24 8.85
CG SAH H . 12.13 13.16 9.87
SD SAH H . 11.40 11.55 10.05
C SAH H . 12.85 15.51 7.90
O SAH H . 12.68 15.27 6.68
OXT SAH H . 12.17 16.37 8.50
C5' SAH H . 12.16 10.94 11.54
C4' SAH H . 13.64 10.59 11.42
O4' SAH H . 14.15 10.40 12.74
C3' SAH H . 13.94 9.29 10.68
O3' SAH H . 15.04 9.46 9.76
C2' SAH H . 14.30 8.29 11.77
O2' SAH H . 15.22 7.28 11.39
C1' SAH H . 14.96 9.22 12.78
N9 SAH H . 15.01 8.78 14.17
C8 SAH H . 13.98 8.27 14.89
N7 SAH H . 14.31 8.03 16.19
C5 SAH H . 15.60 8.37 16.28
C6 SAH H . 16.56 8.36 17.38
N6 SAH H . 16.16 7.89 18.60
N1 SAH H . 17.81 8.83 17.12
C2 SAH H . 18.16 9.28 15.87
N3 SAH H . 17.33 9.34 14.81
C4 SAH H . 16.05 8.89 14.96
C1 49L I . 7.29 10.76 10.68
O1 49L I . 8.05 0.02 12.59
C2 49L I . 6.65 11.38 9.42
N2 49L I . 5.72 7.94 4.94
C3 49L I . 5.00 9.59 9.22
C4 49L I . 7.07 9.49 7.88
C5 49L I . 6.50 8.62 6.82
C6 49L I . 6.19 9.05 5.55
C7 49L I . 6.17 7.23 6.84
C8 49L I . 6.33 6.31 7.95
N1 49L I . 6.05 10.37 8.50
N 49L I . 8.24 11.63 11.34
C 49L I . 8.66 11.14 12.65
N3 49L I . 5.70 6.84 5.67
C24 49L I . 7.58 6.15 8.57
C23 49L I . 7.72 5.29 9.66
C11 49L I . 6.60 4.58 10.09
C10 49L I . 5.36 4.74 9.50
C9 49L I . 5.24 5.60 8.42
O 49L I . 6.55 3.78 11.18
C12 49L I . 7.28 2.62 11.54
C15 49L I . 6.89 2.21 12.98
C14 49L I . 6.83 0.76 12.46
C13 49L I . 6.61 1.32 11.05
C16 49L I . 8.40 -0.38 13.91
C17 49L I . 8.89 -1.83 13.86
C18 49L I . 10.01 -2.17 14.89
C22 49L I . 9.50 -2.42 16.32
C21 49L I . 8.91 -3.83 16.54
O2 49L I . 9.78 -4.87 16.10
C20 49L I . 10.03 -4.76 14.71
C19 49L I . 10.75 -3.44 14.46
C1 GOL J . 2.49 6.11 22.43
O1 GOL J . 3.15 7.20 23.04
C2 GOL J . 3.43 5.49 21.41
O2 GOL J . 4.37 4.60 22.05
C3 GOL J . 2.60 4.77 20.35
O3 GOL J . 3.49 4.16 19.41
#